data_3O88
#
_entry.id   3O88
#
_cell.length_a   118.030
_cell.length_b   77.390
_cell.length_c   97.410
_cell.angle_alpha   90.000
_cell.angle_beta   115.890
_cell.angle_gamma   90.000
#
_symmetry.space_group_name_H-M   'C 1 2 1'
#
loop_
_entity.id
_entity.type
_entity.pdbx_description
1 polymer Beta-lactamase
2 non-polymer '3-[(2R)-2-[(benzylsulfonyl)amino]-2-(dihydroxyboranyl)ethyl]benzoic acid'
3 non-polymer 'PHOSPHATE ION'
4 water water
#
_entity_poly.entity_id   1
_entity_poly.type   'polypeptide(L)'
_entity_poly.pdbx_seq_one_letter_code
;APQQINDIVHRTITPLIEQQKIPGMAVAVIYQGKPYYFTWGYADIAKKQPVTQQTLFELGSVSKTFTGVLGGDAIARGEI
KLSDPTTKYWPELTAKQWNGITLLHLATYTAGGLPLQVPDEVKSSSDLLRFYQNWQPAWAPGTQRLYANSSIGLFGALAV
KPSGLSFEQAMQTRVFQPLKLNHTWINVPPAEEKNYAWGYREGKAVHVSPGALDAEAYGVKSTIEDMARWVQSNLKPLDI
NEKTLQQGIQLAQSRYWQTGDMYQGLGWEMLDWPVNPDSIINGSDNKIALAARPVKAITPPTPAVRASWVHKTGATGGFG
SYVAFIPEKELGIVMLANKNYPNPARVDAAWQILNALQ
;
_entity_poly.pdbx_strand_id   A,B
#
loop_
_chem_comp.id
_chem_comp.type
_chem_comp.name
_chem_comp.formula
BSH non-polymer '3-[(2R)-2-[(benzylsulfonyl)amino]-2-(dihydroxyboranyl)ethyl]benzoic acid' 'C16 H18 B N O6 S'
PO4 non-polymer 'PHOSPHATE ION' 'O4 P -3'
#
# COMPACT_ATOMS: atom_id res chain seq x y z
N ALA A 1 -23.37 -24.89 14.59
CA ALA A 1 -23.17 -24.39 13.23
C ALA A 1 -24.35 -24.77 12.33
N PRO A 2 -24.59 -23.96 11.28
CA PRO A 2 -25.52 -24.36 10.22
C PRO A 2 -25.19 -25.78 9.76
N GLN A 3 -26.20 -26.58 9.44
CA GLN A 3 -25.94 -27.98 9.12
C GLN A 3 -25.01 -28.16 7.92
N GLN A 4 -25.02 -27.20 7.00
CA GLN A 4 -24.21 -27.31 5.78
C GLN A 4 -22.72 -27.26 6.11
N ILE A 5 -22.39 -26.41 7.08
CA ILE A 5 -21.01 -26.25 7.51
C ILE A 5 -20.64 -27.50 8.28
N ASN A 6 -21.49 -27.88 9.23
CA ASN A 6 -21.28 -29.11 9.94
C ASN A 6 -21.01 -30.29 8.99
N ASP A 7 -21.86 -30.46 7.98
CA ASP A 7 -21.71 -31.61 7.10
C ASP A 7 -20.43 -31.59 6.26
N ILE A 8 -20.14 -30.48 5.58
CA ILE A 8 -18.94 -30.49 4.74
C ILE A 8 -17.69 -30.64 5.59
N VAL A 9 -17.65 -29.97 6.74
CA VAL A 9 -16.49 -30.14 7.62
C VAL A 9 -16.34 -31.57 8.10
N HIS A 10 -17.41 -32.13 8.67
CA HIS A 10 -17.30 -33.52 9.11
C HIS A 10 -17.02 -34.52 8.01
N ARG A 11 -17.69 -34.39 6.87
N ARG A 11 -17.69 -34.35 6.87
CA ARG A 11 -17.43 -35.31 5.77
CA ARG A 11 -17.49 -35.24 5.72
C ARG A 11 -16.02 -35.21 5.18
C ARG A 11 -16.08 -35.16 5.11
N THR A 12 -15.37 -34.06 5.36
CA THR A 12 -14.02 -33.85 4.81
C THR A 12 -12.93 -34.29 5.82
N ILE A 13 -13.09 -33.84 7.04
CA ILE A 13 -12.08 -34.00 8.06
C ILE A 13 -12.04 -35.40 8.68
N THR A 14 -13.20 -36.04 8.88
CA THR A 14 -13.22 -37.41 9.41
C THR A 14 -12.34 -38.38 8.64
N PRO A 15 -12.52 -38.45 7.29
CA PRO A 15 -11.67 -39.29 6.44
C PRO A 15 -10.20 -38.86 6.46
N LEU A 16 -9.96 -37.54 6.49
CA LEU A 16 -8.60 -37.02 6.57
C LEU A 16 -7.88 -37.53 7.81
N ILE A 17 -8.57 -37.46 8.93
CA ILE A 17 -8.00 -37.90 10.19
C ILE A 17 -7.69 -39.38 10.14
N GLU A 18 -8.63 -40.15 9.58
CA GLU A 18 -8.46 -41.59 9.41
CA GLU A 18 -8.45 -41.59 9.41
C GLU A 18 -7.29 -41.90 8.47
N GLN A 19 -7.26 -41.28 7.29
CA GLN A 19 -6.20 -41.58 6.31
C GLN A 19 -4.80 -41.20 6.82
N GLN A 20 -4.75 -40.08 7.55
CA GLN A 20 -3.46 -39.54 7.95
C GLN A 20 -3.03 -39.92 9.38
N LYS A 21 -3.93 -40.59 10.09
CA LYS A 21 -3.68 -41.06 11.45
C LYS A 21 -3.28 -39.90 12.36
N ILE A 22 -4.06 -38.84 12.25
CA ILE A 22 -3.86 -37.61 13.05
C ILE A 22 -4.41 -37.83 14.46
N PRO A 23 -3.58 -37.60 15.51
CA PRO A 23 -4.08 -37.90 16.86
C PRO A 23 -5.15 -36.92 17.33
N GLY A 24 -5.02 -35.67 16.95
CA GLY A 24 -5.89 -34.60 17.43
C GLY A 24 -5.94 -33.50 16.40
N MET A 25 -7.08 -32.87 16.25
CA MET A 25 -7.22 -31.82 15.28
C MET A 25 -8.26 -30.82 15.75
N ALA A 26 -8.04 -29.55 15.38
CA ALA A 26 -9.05 -28.53 15.58
C ALA A 26 -9.23 -27.80 14.27
N VAL A 27 -10.47 -27.46 13.96
CA VAL A 27 -10.74 -26.71 12.73
C VAL A 27 -11.67 -25.55 13.05
N ALA A 28 -11.45 -24.40 12.41
CA ALA A 28 -12.37 -23.30 12.49
C ALA A 28 -12.75 -22.93 11.08
N VAL A 29 -14.05 -22.77 10.83
CA VAL A 29 -14.49 -22.15 9.59
C VAL A 29 -15.03 -20.77 9.88
N ILE A 30 -14.59 -19.78 9.12
CA ILE A 30 -15.17 -18.47 9.21
C ILE A 30 -16.10 -18.32 8.04
N TYR A 31 -17.37 -18.07 8.34
CA TYR A 31 -18.39 -18.05 7.28
C TYR A 31 -19.21 -16.78 7.46
N GLN A 32 -19.29 -15.98 6.40
CA GLN A 32 -19.83 -14.62 6.49
C GLN A 32 -19.35 -13.90 7.76
N GLY A 33 -18.08 -14.10 8.11
CA GLY A 33 -17.50 -13.34 9.21
C GLY A 33 -17.71 -13.88 10.62
N LYS A 34 -18.34 -15.04 10.75
CA LYS A 34 -18.55 -15.67 12.06
C LYS A 34 -17.77 -16.98 12.12
N PRO A 35 -17.20 -17.31 13.29
CA PRO A 35 -16.40 -18.53 13.40
C PRO A 35 -17.21 -19.70 13.88
N TYR A 36 -16.91 -20.89 13.37
CA TYR A 36 -17.52 -22.12 13.82
C TYR A 36 -16.41 -23.11 14.10
N TYR A 37 -16.47 -23.78 15.25
CA TYR A 37 -15.36 -24.59 15.70
C TYR A 37 -15.66 -26.06 15.74
N PHE A 38 -14.63 -26.87 15.50
CA PHE A 38 -14.71 -28.31 15.45
C PHE A 38 -13.46 -28.93 16.04
N THR A 39 -13.63 -29.96 16.87
CA THR A 39 -12.47 -30.62 17.44
C THR A 39 -12.62 -32.12 17.43
N TRP A 40 -11.47 -32.80 17.35
CA TRP A 40 -11.41 -34.26 17.34
C TRP A 40 -10.20 -34.76 18.10
N GLY A 41 -10.33 -35.90 18.78
CA GLY A 41 -9.15 -36.64 19.21
C GLY A 41 -8.41 -36.01 20.37
N TYR A 42 -7.09 -36.26 20.40
CA TYR A 42 -6.27 -36.04 21.58
C TYR A 42 -5.18 -35.03 21.43
N ALA A 43 -5.10 -34.16 22.42
CA ALA A 43 -3.97 -33.24 22.59
C ALA A 43 -2.80 -33.97 23.23
N ASP A 44 -3.09 -34.95 24.09
CA ASP A 44 -2.05 -35.72 24.79
C ASP A 44 -2.58 -37.13 24.89
N ILE A 45 -1.98 -38.04 24.12
CA ILE A 45 -2.49 -39.40 24.01
C ILE A 45 -2.29 -40.11 25.34
N ALA A 46 -1.09 -40.02 25.88
CA ALA A 46 -0.77 -40.72 27.13
C ALA A 46 -1.65 -40.32 28.32
N LYS A 47 -1.93 -39.03 28.48
CA LYS A 47 -2.74 -38.52 29.58
C LYS A 47 -4.22 -38.37 29.19
N LYS A 48 -4.58 -38.87 28.01
CA LYS A 48 -5.97 -38.84 27.55
C LYS A 48 -6.65 -37.46 27.54
N GLN A 49 -5.91 -36.40 27.19
CA GLN A 49 -6.47 -35.06 27.21
C GLN A 49 -6.99 -34.80 25.82
N PRO A 50 -8.30 -34.46 25.70
CA PRO A 50 -8.89 -34.20 24.40
C PRO A 50 -8.42 -32.86 23.80
N VAL A 51 -8.48 -32.74 22.48
CA VAL A 51 -8.40 -31.45 21.86
C VAL A 51 -9.65 -30.64 22.21
N THR A 52 -9.46 -29.43 22.71
CA THR A 52 -10.56 -28.50 22.95
C THR A 52 -10.32 -27.19 22.20
N GLN A 53 -11.24 -26.23 22.31
CA GLN A 53 -11.08 -24.92 21.66
C GLN A 53 -9.98 -24.12 22.34
N GLN A 54 -9.48 -24.62 23.45
CA GLN A 54 -8.44 -23.96 24.23
CA GLN A 54 -8.40 -23.89 24.14
C GLN A 54 -7.06 -24.61 24.06
N THR A 55 -6.99 -25.68 23.28
CA THR A 55 -5.75 -26.43 23.14
C THR A 55 -4.77 -25.56 22.33
N LEU A 56 -3.52 -25.49 22.76
CA LEU A 56 -2.48 -24.79 21.97
C LEU A 56 -1.82 -25.79 21.04
N PHE A 57 -1.61 -25.35 19.79
CA PHE A 57 -0.90 -26.14 18.80
C PHE A 57 0.31 -25.29 18.33
N GLU A 58 1.41 -25.96 17.96
CA GLU A 58 2.53 -25.23 17.34
C GLU A 58 2.12 -24.90 15.91
N LEU A 59 2.26 -23.62 15.54
CA LEU A 59 1.86 -23.20 14.20
C LEU A 59 2.96 -23.46 13.18
N GLY A 60 4.18 -23.71 13.64
CA GLY A 60 5.29 -23.78 12.71
C GLY A 60 5.30 -22.57 11.79
N SER A 61 5.47 -22.80 10.49
CA SER A 61 5.63 -21.69 9.55
C SER A 61 4.42 -20.79 9.35
N VAL A 62 3.24 -21.18 9.83
CA VAL A 62 2.16 -20.18 9.87
C VAL A 62 2.55 -18.97 10.76
N SER A 63 3.56 -19.15 11.61
CA SER A 63 4.13 -18.05 12.38
C SER A 63 4.65 -16.95 11.50
N LYS A 64 5.09 -17.30 10.29
CA LYS A 64 5.62 -16.30 9.37
C LYS A 64 4.56 -15.25 9.01
N THR A 65 3.27 -15.64 9.06
CA THR A 65 2.25 -14.63 8.81
C THR A 65 2.23 -13.55 9.88
N PHE A 66 2.44 -13.94 11.14
CA PHE A 66 2.54 -12.95 12.22
C PHE A 66 3.79 -12.09 12.03
N THR A 67 4.90 -12.72 11.66
CA THR A 67 6.14 -11.96 11.40
C THR A 67 5.94 -10.96 10.28
N GLY A 68 5.22 -11.37 9.24
CA GLY A 68 5.08 -10.49 8.08
C GLY A 68 4.19 -9.31 8.45
N VAL A 69 3.12 -9.58 9.20
CA VAL A 69 2.27 -8.49 9.70
C VAL A 69 2.98 -7.55 10.67
N LEU A 70 3.81 -8.10 11.57
CA LEU A 70 4.55 -7.24 12.52
C LEU A 70 5.50 -6.34 11.75
N GLY A 71 6.15 -6.90 10.72
CA GLY A 71 6.99 -6.15 9.81
C GLY A 71 6.15 -5.08 9.13
N GLY A 72 4.98 -5.45 8.66
CA GLY A 72 4.08 -4.50 8.01
C GLY A 72 3.78 -3.33 8.93
N ASP A 73 3.53 -3.65 10.19
CA ASP A 73 3.18 -2.63 11.15
C ASP A 73 4.37 -1.69 11.40
N ALA A 74 5.59 -2.22 11.36
CA ALA A 74 6.79 -1.41 11.57
C ALA A 74 7.00 -0.48 10.39
N ILE A 75 6.63 -0.94 9.19
CA ILE A 75 6.74 -0.10 7.99
C ILE A 75 5.72 1.05 8.13
N ALA A 76 4.49 0.69 8.44
CA ALA A 76 3.42 1.67 8.63
C ALA A 76 3.77 2.70 9.72
N ARG A 77 4.50 2.28 10.75
CA ARG A 77 4.97 3.20 11.79
C ARG A 77 6.11 4.12 11.31
N GLY A 78 6.65 3.86 10.13
CA GLY A 78 7.81 4.58 9.62
C GLY A 78 9.13 4.20 10.26
N GLU A 79 9.13 3.08 10.98
CA GLU A 79 10.34 2.59 11.63
C GLU A 79 11.32 1.94 10.67
N ILE A 80 10.79 1.25 9.66
CA ILE A 80 11.62 0.62 8.65
C ILE A 80 10.98 0.85 7.29
N LYS A 81 11.74 0.64 6.21
CA LYS A 81 11.23 0.61 4.84
C LYS A 81 11.70 -0.68 4.21
N LEU A 82 10.85 -1.33 3.40
CA LEU A 82 11.28 -2.55 2.70
C LEU A 82 12.40 -2.28 1.67
N SER A 83 12.50 -1.04 1.22
CA SER A 83 13.55 -0.63 0.32
C SER A 83 14.91 -0.40 1.03
N ASP A 84 14.93 -0.46 2.35
CA ASP A 84 16.17 -0.20 3.14
C ASP A 84 17.14 -1.38 2.91
N PRO A 85 18.43 -1.09 2.75
CA PRO A 85 19.45 -2.16 2.76
C PRO A 85 19.46 -2.86 4.11
N THR A 86 19.80 -4.14 4.10
CA THR A 86 19.86 -4.93 5.32
C THR A 86 20.89 -4.30 6.23
N THR A 87 21.92 -3.72 5.64
CA THR A 87 23.00 -3.18 6.47
C THR A 87 22.64 -1.92 7.28
N LYS A 88 21.56 -1.26 6.89
CA LYS A 88 21.09 -0.13 7.68
C LYS A 88 20.75 -0.54 9.09
N TYR A 89 20.21 -1.74 9.24
CA TYR A 89 19.83 -2.25 10.56
C TYR A 89 20.81 -3.23 11.14
N TRP A 90 21.78 -3.67 10.34
CA TRP A 90 22.85 -4.51 10.86
C TRP A 90 24.16 -4.10 10.19
N PRO A 91 24.74 -3.00 10.65
CA PRO A 91 25.98 -2.43 10.07
C PRO A 91 27.16 -3.39 10.17
N GLU A 92 27.12 -4.31 11.13
CA GLU A 92 28.17 -5.33 11.23
C GLU A 92 28.17 -6.33 10.05
N LEU A 93 27.13 -6.29 9.22
CA LEU A 93 27.09 -7.14 8.05
C LEU A 93 27.86 -6.47 6.92
N THR A 94 29.18 -6.49 7.05
CA THR A 94 30.02 -5.76 6.12
C THR A 94 30.44 -6.54 4.86
N ALA A 95 30.19 -7.84 4.80
CA ALA A 95 30.61 -8.64 3.64
C ALA A 95 29.91 -8.17 2.35
N LYS A 96 30.64 -8.13 1.23
CA LYS A 96 30.18 -7.42 0.04
C LYS A 96 28.98 -8.05 -0.65
N GLN A 97 28.70 -9.33 -0.37
CA GLN A 97 27.53 -9.98 -0.99
C GLN A 97 26.24 -9.34 -0.49
N TRP A 98 26.32 -8.59 0.61
CA TRP A 98 25.14 -7.92 1.14
C TRP A 98 24.77 -6.64 0.45
N ASN A 99 25.68 -6.07 -0.35
CA ASN A 99 25.34 -4.87 -1.10
C ASN A 99 24.17 -5.16 -2.01
N GLY A 100 23.07 -4.43 -1.85
CA GLY A 100 21.96 -4.62 -2.75
C GLY A 100 20.88 -5.54 -2.21
N ILE A 101 21.14 -6.21 -1.07
CA ILE A 101 20.11 -7.05 -0.40
C ILE A 101 19.29 -6.20 0.60
N THR A 102 18.00 -6.02 0.30
CA THR A 102 17.14 -5.12 1.06
C THR A 102 16.22 -5.94 2.00
N LEU A 103 15.54 -5.23 2.89
CA LEU A 103 14.60 -5.91 3.80
C LEU A 103 13.53 -6.62 2.99
N LEU A 104 13.13 -6.05 1.84
CA LEU A 104 12.15 -6.72 1.00
C LEU A 104 12.65 -8.12 0.58
N HIS A 105 13.93 -8.22 0.22
CA HIS A 105 14.47 -9.50 -0.25
C HIS A 105 14.44 -10.51 0.90
N LEU A 106 14.80 -10.07 2.10
CA LEU A 106 14.71 -10.98 3.25
C LEU A 106 13.31 -11.46 3.53
N ALA A 107 12.38 -10.51 3.51
CA ALA A 107 11.01 -10.84 3.85
C ALA A 107 10.36 -11.82 2.87
N THR A 108 10.83 -11.82 1.60
CA THR A 108 10.15 -12.54 0.53
C THR A 108 11.00 -13.68 -0.04
N TYR A 109 12.08 -14.01 0.65
CA TYR A 109 12.95 -15.15 0.27
C TYR A 109 13.68 -14.96 -1.08
N THR A 110 13.90 -13.71 -1.43
CA THR A 110 14.51 -13.39 -2.72
C THR A 110 15.91 -12.79 -2.58
N ALA A 111 16.57 -12.96 -1.42
CA ALA A 111 17.93 -12.42 -1.24
C ALA A 111 19.02 -13.06 -2.10
N GLY A 112 18.73 -14.25 -2.63
CA GLY A 112 19.67 -14.94 -3.50
C GLY A 112 20.16 -16.28 -3.02
N GLY A 113 19.29 -17.02 -2.31
CA GLY A 113 19.60 -18.37 -1.91
C GLY A 113 19.98 -18.54 -0.45
N LEU A 114 19.45 -17.69 0.42
CA LEU A 114 19.61 -17.94 1.86
C LEU A 114 18.97 -19.31 2.15
N PRO A 115 19.60 -20.10 3.03
CA PRO A 115 19.15 -21.48 3.19
C PRO A 115 17.86 -21.65 3.99
N LEU A 116 17.18 -22.75 3.73
CA LEU A 116 15.93 -23.08 4.41
C LEU A 116 16.09 -23.06 5.94
N GLN A 117 17.16 -23.70 6.43
CA GLN A 117 17.42 -23.80 7.86
C GLN A 117 18.64 -23.03 8.31
N VAL A 118 18.54 -22.35 9.45
CA VAL A 118 19.71 -21.83 10.11
C VAL A 118 20.38 -23.05 10.71
N PRO A 119 21.69 -23.20 10.52
CA PRO A 119 22.36 -24.38 11.07
C PRO A 119 22.20 -24.51 12.60
N ASP A 120 22.08 -25.74 13.08
CA ASP A 120 21.94 -26.02 14.51
CA ASP A 120 21.92 -26.01 14.51
C ASP A 120 23.04 -25.38 15.35
N GLU A 121 24.24 -25.29 14.78
CA GLU A 121 25.40 -24.82 15.55
C GLU A 121 25.38 -23.31 15.78
N VAL A 122 24.49 -22.64 15.09
CA VAL A 122 24.32 -21.20 15.24
C VAL A 122 23.38 -20.88 16.40
N LYS A 123 23.88 -20.14 17.39
CA LYS A 123 23.06 -19.76 18.53
C LYS A 123 23.17 -18.28 18.87
N SER A 124 24.39 -17.83 19.20
CA SER A 124 24.61 -16.50 19.78
C SER A 124 24.45 -15.41 18.75
N SER A 125 24.35 -14.16 19.22
CA SER A 125 24.30 -13.04 18.29
C SER A 125 25.55 -13.09 17.39
N SER A 126 26.68 -13.51 17.96
CA SER A 126 27.93 -13.59 17.19
C SER A 126 27.97 -14.79 16.22
N ASP A 127 27.37 -15.91 16.62
CA ASP A 127 27.21 -17.07 15.72
C ASP A 127 26.41 -16.72 14.49
N LEU A 128 25.34 -15.96 14.70
CA LEU A 128 24.45 -15.59 13.61
C LEU A 128 25.14 -14.63 12.64
N LEU A 129 25.82 -13.61 13.17
CA LEU A 129 26.59 -12.66 12.35
C LEU A 129 27.58 -13.42 11.48
N ARG A 130 28.32 -14.33 12.09
CA ARG A 130 29.28 -15.14 11.33
C ARG A 130 28.63 -15.91 10.18
N PHE A 131 27.50 -16.56 10.46
CA PHE A 131 26.74 -17.29 9.46
C PHE A 131 26.35 -16.42 8.26
N TYR A 132 25.75 -15.26 8.53
CA TYR A 132 25.33 -14.41 7.43
C TYR A 132 26.53 -13.80 6.69
N GLN A 133 27.60 -13.49 7.43
CA GLN A 133 28.78 -12.91 6.78
C GLN A 133 29.40 -13.93 5.82
N ASN A 134 29.43 -15.18 6.23
CA ASN A 134 30.04 -16.24 5.41
C ASN A 134 29.18 -16.76 4.25
N TRP A 135 27.87 -16.48 4.33
CA TRP A 135 26.95 -17.03 3.35
C TRP A 135 27.24 -16.49 1.95
N GLN A 136 27.27 -17.37 0.95
CA GLN A 136 27.54 -16.95 -0.43
C GLN A 136 26.29 -17.14 -1.30
N PRO A 137 25.68 -16.04 -1.77
CA PRO A 137 24.49 -16.18 -2.62
C PRO A 137 24.80 -16.93 -3.91
N ALA A 138 23.86 -17.75 -4.31
CA ALA A 138 23.93 -18.44 -5.58
C ALA A 138 23.47 -17.52 -6.69
N TRP A 139 22.68 -16.51 -6.33
CA TRP A 139 22.03 -15.65 -7.32
C TRP A 139 22.02 -14.21 -6.89
N ALA A 140 21.90 -13.32 -7.87
CA ALA A 140 21.70 -11.89 -7.57
C ALA A 140 20.41 -11.67 -6.83
N PRO A 141 20.36 -10.59 -6.04
CA PRO A 141 19.15 -10.27 -5.28
C PRO A 141 17.95 -10.06 -6.21
N GLY A 142 16.78 -10.50 -5.75
CA GLY A 142 15.54 -10.25 -6.46
C GLY A 142 15.41 -10.96 -7.79
N THR A 143 16.03 -12.14 -7.91
CA THR A 143 15.94 -12.95 -9.13
C THR A 143 15.31 -14.34 -8.93
N GLN A 144 15.52 -14.96 -7.77
CA GLN A 144 14.93 -16.25 -7.53
C GLN A 144 14.43 -16.34 -6.09
N ARG A 145 13.34 -17.06 -5.93
CA ARG A 145 12.77 -17.32 -4.60
C ARG A 145 13.19 -18.70 -4.11
N LEU A 146 13.70 -18.74 -2.89
CA LEU A 146 13.96 -20.00 -2.22
C LEU A 146 13.42 -19.85 -0.80
N TYR A 147 12.33 -20.54 -0.50
CA TYR A 147 11.70 -20.44 0.81
C TYR A 147 12.71 -20.72 1.88
N ALA A 148 12.79 -19.86 2.88
CA ALA A 148 13.88 -19.94 3.83
C ALA A 148 13.60 -19.32 5.21
N ASN A 149 13.82 -20.10 6.27
CA ASN A 149 13.73 -19.53 7.61
C ASN A 149 14.81 -18.50 7.88
N SER A 150 15.98 -18.70 7.30
CA SER A 150 17.10 -17.79 7.53
C SER A 150 16.87 -16.44 6.85
N SER A 151 15.89 -16.40 5.97
CA SER A 151 15.57 -15.19 5.25
C SER A 151 14.52 -14.39 6.03
N ILE A 152 13.32 -14.96 6.17
CA ILE A 152 12.24 -14.19 6.79
C ILE A 152 12.54 -14.03 8.30
N GLY A 153 13.30 -14.98 8.84
CA GLY A 153 13.66 -14.92 10.25
C GLY A 153 14.55 -13.74 10.50
N LEU A 154 15.49 -13.47 9.60
CA LEU A 154 16.35 -12.28 9.76
C LEU A 154 15.52 -11.01 9.58
N PHE A 155 14.62 -11.03 8.60
CA PHE A 155 13.71 -9.90 8.43
C PHE A 155 13.02 -9.55 9.72
N GLY A 156 12.46 -10.56 10.41
CA GLY A 156 11.72 -10.28 11.62
C GLY A 156 12.61 -9.70 12.69
N ALA A 157 13.79 -10.24 12.83
CA ALA A 157 14.71 -9.69 13.84
C ALA A 157 15.12 -8.25 13.56
N LEU A 158 15.37 -7.93 12.29
CA LEU A 158 15.80 -6.58 11.97
C LEU A 158 14.63 -5.59 12.03
N ALA A 159 13.44 -6.06 11.65
CA ALA A 159 12.29 -5.17 11.57
C ALA A 159 11.95 -4.54 12.91
N VAL A 160 12.23 -5.23 14.01
CA VAL A 160 11.86 -4.68 15.30
C VAL A 160 12.99 -3.88 15.93
N LYS A 161 14.12 -3.76 15.24
CA LYS A 161 15.26 -3.08 15.90
C LYS A 161 14.99 -1.62 16.28
N PRO A 162 14.42 -0.83 15.36
CA PRO A 162 14.18 0.57 15.70
C PRO A 162 13.22 0.76 16.89
N SER A 163 12.25 -0.14 17.05
CA SER A 163 11.28 -0.08 18.13
C SER A 163 11.94 -0.16 19.50
N GLY A 164 13.13 -0.77 19.55
CA GLY A 164 13.84 -1.02 20.79
C GLY A 164 13.36 -2.25 21.56
N LEU A 165 12.26 -2.84 21.10
CA LEU A 165 11.64 -3.97 21.80
C LEU A 165 12.26 -5.28 21.36
N SER A 166 12.20 -6.28 22.23
CA SER A 166 12.54 -7.64 21.84
C SER A 166 11.49 -8.05 20.80
N PHE A 167 11.82 -9.01 19.93
CA PHE A 167 10.85 -9.51 18.95
C PHE A 167 9.56 -9.97 19.66
N GLU A 168 9.71 -10.72 20.73
CA GLU A 168 8.55 -11.25 21.45
C GLU A 168 7.71 -10.09 22.02
N GLN A 169 8.34 -9.10 22.67
CA GLN A 169 7.60 -7.95 23.20
CA GLN A 169 7.56 -7.99 23.21
C GLN A 169 6.89 -7.14 22.13
N ALA A 170 7.57 -6.98 20.99
CA ALA A 170 6.96 -6.26 19.88
C ALA A 170 5.73 -7.01 19.40
N MET A 171 5.88 -8.33 19.21
CA MET A 171 4.75 -9.13 18.76
C MET A 171 3.56 -9.05 19.73
N GLN A 172 3.82 -9.19 21.03
CA GLN A 172 2.75 -9.09 22.05
C GLN A 172 2.06 -7.73 22.03
N THR A 173 2.83 -6.66 22.11
CA THR A 173 2.20 -5.36 22.29
C THR A 173 1.59 -4.83 21.01
N ARG A 174 2.13 -5.22 19.85
CA ARG A 174 1.69 -4.59 18.59
C ARG A 174 0.76 -5.43 17.75
N VAL A 175 0.72 -6.74 18.02
CA VAL A 175 -0.11 -7.64 17.23
C VAL A 175 -1.07 -8.44 18.12
N PHE A 176 -0.52 -9.18 19.08
CA PHE A 176 -1.36 -10.10 19.88
C PHE A 176 -2.38 -9.32 20.73
N GLN A 177 -1.91 -8.36 21.51
CA GLN A 177 -2.76 -7.63 22.43
C GLN A 177 -3.84 -6.83 21.71
N PRO A 178 -3.47 -6.05 20.69
CA PRO A 178 -4.50 -5.30 19.97
C PRO A 178 -5.60 -6.18 19.32
N LEU A 179 -5.25 -7.40 18.88
CA LEU A 179 -6.20 -8.27 18.24
C LEU A 179 -6.92 -9.19 19.24
N LYS A 180 -6.60 -9.04 20.51
CA LYS A 180 -7.17 -9.89 21.57
C LYS A 180 -6.86 -11.39 21.39
N LEU A 181 -5.62 -11.65 20.97
CA LEU A 181 -5.14 -13.01 20.82
C LEU A 181 -4.48 -13.26 22.17
N ASN A 182 -5.31 -13.59 23.15
CA ASN A 182 -4.83 -13.69 24.51
C ASN A 182 -4.34 -15.06 24.90
N HIS A 183 -4.43 -16.02 23.97
CA HIS A 183 -3.92 -17.38 24.16
C HIS A 183 -3.04 -17.79 22.99
N THR A 184 -2.22 -16.81 22.57
CA THR A 184 -1.22 -16.97 21.50
C THR A 184 0.13 -16.54 22.06
N TRP A 185 1.14 -17.39 21.85
CA TRP A 185 2.40 -17.25 22.59
C TRP A 185 3.58 -17.61 21.76
N ILE A 186 4.71 -16.94 22.01
CA ILE A 186 5.97 -17.36 21.45
C ILE A 186 6.64 -18.31 22.42
N ASN A 187 6.51 -17.96 23.72
CA ASN A 187 6.93 -18.85 24.79
C ASN A 187 5.70 -19.19 25.62
N VAL A 188 5.37 -20.47 25.70
CA VAL A 188 4.15 -20.89 26.44
C VAL A 188 4.36 -20.74 27.94
N PRO A 189 3.55 -19.90 28.60
CA PRO A 189 3.77 -19.75 30.04
C PRO A 189 3.40 -21.00 30.83
N PRO A 190 4.03 -21.21 31.98
CA PRO A 190 3.65 -22.32 32.86
C PRO A 190 2.16 -22.42 33.11
N ALA A 191 1.46 -21.30 33.31
CA ALA A 191 0.02 -21.37 33.53
C ALA A 191 -0.76 -22.01 32.38
N GLU A 192 -0.20 -21.93 31.16
CA GLU A 192 -0.94 -22.44 30.02
C GLU A 192 -0.46 -23.81 29.58
N GLU A 193 0.55 -24.37 30.24
CA GLU A 193 1.05 -25.69 29.83
C GLU A 193 0.02 -26.81 29.78
N LYS A 194 -0.97 -26.77 30.66
CA LYS A 194 -2.04 -27.77 30.68
C LYS A 194 -2.78 -27.83 29.35
N ASN A 195 -2.69 -26.75 28.55
CA ASN A 195 -3.41 -26.70 27.29
C ASN A 195 -2.51 -26.94 26.07
N TYR A 196 -1.20 -27.14 26.30
CA TYR A 196 -0.23 -27.26 25.22
C TYR A 196 -0.25 -28.73 24.74
N ALA A 197 -0.84 -28.96 23.57
CA ALA A 197 -0.80 -30.30 22.98
C ALA A 197 0.61 -30.78 22.77
N TRP A 198 0.77 -32.09 22.82
CA TRP A 198 2.01 -32.73 22.35
C TRP A 198 1.92 -32.90 20.86
N GLY A 199 3.02 -32.69 20.15
CA GLY A 199 3.07 -33.14 18.77
C GLY A 199 3.50 -34.58 18.69
N TYR A 200 3.24 -35.23 17.56
CA TYR A 200 3.55 -36.64 17.41
C TYR A 200 4.32 -36.91 16.14
N ARG A 201 5.50 -37.47 16.31
CA ARG A 201 6.37 -37.78 15.21
C ARG A 201 6.87 -39.21 15.41
N GLU A 202 6.56 -40.07 14.44
CA GLU A 202 6.88 -41.49 14.56
C GLU A 202 6.33 -42.08 15.86
N GLY A 203 5.15 -41.62 16.27
CA GLY A 203 4.52 -42.11 17.48
C GLY A 203 5.05 -41.53 18.79
N LYS A 204 6.08 -40.70 18.70
CA LYS A 204 6.65 -40.08 19.89
C LYS A 204 6.16 -38.65 20.12
N ALA A 205 5.90 -38.32 21.39
CA ALA A 205 5.48 -36.99 21.80
C ALA A 205 6.66 -36.02 21.79
N VAL A 206 6.48 -34.92 21.06
CA VAL A 206 7.58 -33.98 20.83
C VAL A 206 7.05 -32.56 20.82
N HIS A 207 7.88 -31.64 21.31
CA HIS A 207 7.63 -30.19 21.20
C HIS A 207 8.79 -29.59 20.43
N VAL A 208 8.53 -28.47 19.77
CA VAL A 208 9.59 -27.79 19.01
C VAL A 208 10.79 -27.43 19.89
N SER A 209 12.01 -27.65 19.36
CA SER A 209 13.24 -27.31 20.09
C SER A 209 13.62 -25.87 19.86
N PRO A 210 14.31 -25.25 20.85
CA PRO A 210 14.88 -23.91 20.65
C PRO A 210 15.87 -23.89 19.47
N GLY A 211 15.89 -22.77 18.74
CA GLY A 211 16.79 -22.59 17.62
C GLY A 211 16.94 -21.12 17.30
N ALA A 212 18.01 -20.77 16.58
CA ALA A 212 18.18 -19.37 16.25
C ALA A 212 17.07 -18.92 15.32
N LEU A 213 16.57 -17.73 15.60
CA LEU A 213 15.47 -17.11 14.85
C LEU A 213 14.22 -17.95 14.89
N ASP A 214 14.09 -18.82 15.89
CA ASP A 214 12.86 -19.59 16.04
C ASP A 214 11.58 -18.74 16.21
N ALA A 215 11.65 -17.75 17.08
CA ALA A 215 10.49 -16.89 17.31
C ALA A 215 9.98 -16.27 16.02
N GLU A 216 10.93 -15.80 15.20
CA GLU A 216 10.64 -15.07 13.98
C GLU A 216 10.11 -15.93 12.83
N ALA A 217 10.59 -17.18 12.74
CA ALA A 217 10.30 -18.04 11.61
C ALA A 217 9.25 -19.11 11.90
N TYR A 218 9.21 -19.58 13.14
CA TYR A 218 8.29 -20.63 13.50
C TYR A 218 7.97 -20.63 15.01
N GLY A 219 7.84 -19.47 15.62
CA GLY A 219 7.79 -19.42 17.07
C GLY A 219 6.43 -19.56 17.76
N VAL A 220 5.35 -19.50 16.99
CA VAL A 220 4.07 -19.21 17.60
C VAL A 220 3.25 -20.46 17.88
N LYS A 221 2.66 -20.45 19.08
CA LYS A 221 1.69 -21.48 19.47
C LYS A 221 0.36 -20.80 19.72
N SER A 222 -0.77 -21.42 19.34
CA SER A 222 -2.04 -20.71 19.44
C SER A 222 -3.18 -21.71 19.52
N THR A 223 -4.36 -21.19 19.90
CA THR A 223 -5.59 -21.96 19.96
C THR A 223 -6.40 -21.78 18.71
N ILE A 224 -7.39 -22.65 18.52
CA ILE A 224 -8.22 -22.56 17.33
C ILE A 224 -9.08 -21.27 17.37
N GLU A 225 -9.43 -20.81 18.58
CA GLU A 225 -10.19 -19.57 18.73
C GLU A 225 -9.35 -18.39 18.33
N ASP A 226 -8.13 -18.33 18.85
CA ASP A 226 -7.27 -17.21 18.49
C ASP A 226 -6.92 -17.22 17.00
N MET A 227 -6.72 -18.40 16.43
CA MET A 227 -6.41 -18.44 15.02
C MET A 227 -7.61 -18.04 14.17
N ALA A 228 -8.83 -18.37 14.62
CA ALA A 228 -10.00 -17.85 13.91
C ALA A 228 -10.04 -16.32 13.96
N ARG A 229 -9.67 -15.76 15.10
CA ARG A 229 -9.64 -14.34 15.25
C ARG A 229 -8.54 -13.75 14.36
N TRP A 230 -7.41 -14.45 14.26
CA TRP A 230 -6.36 -14.04 13.31
C TRP A 230 -6.89 -14.02 11.89
N VAL A 231 -7.64 -15.06 11.48
CA VAL A 231 -8.23 -15.07 10.15
C VAL A 231 -9.21 -13.91 9.94
N GLN A 232 -10.11 -13.68 10.89
CA GLN A 232 -11.06 -12.55 10.77
C GLN A 232 -10.33 -11.23 10.60
N SER A 233 -9.25 -11.03 11.34
CA SER A 233 -8.48 -9.78 11.29
C SER A 233 -7.84 -9.60 9.94
N ASN A 234 -7.38 -10.69 9.33
CA ASN A 234 -6.72 -10.58 8.02
C ASN A 234 -7.77 -10.51 6.91
N LEU A 235 -8.98 -11.01 7.19
CA LEU A 235 -10.07 -10.91 6.22
C LEU A 235 -10.58 -9.50 6.07
N LYS A 236 -10.66 -8.79 7.20
CA LYS A 236 -11.22 -7.43 7.26
C LYS A 236 -10.33 -6.49 8.06
N PRO A 237 -9.18 -6.12 7.49
CA PRO A 237 -8.24 -5.26 8.24
C PRO A 237 -8.85 -3.90 8.58
N LEU A 238 -9.85 -3.45 7.83
CA LEU A 238 -10.39 -2.11 8.08
C LEU A 238 -11.19 -2.03 9.38
N ASP A 239 -11.63 -3.18 9.88
CA ASP A 239 -12.32 -3.23 11.16
C ASP A 239 -11.37 -3.04 12.35
N ILE A 240 -10.07 -3.08 12.08
CA ILE A 240 -9.06 -2.99 13.13
C ILE A 240 -8.83 -1.53 13.49
N ASN A 241 -8.86 -1.22 14.78
CA ASN A 241 -8.87 0.17 15.23
C ASN A 241 -7.47 0.80 15.25
N GLU A 242 -6.45 0.00 15.57
CA GLU A 242 -5.06 0.45 15.53
C GLU A 242 -4.62 0.69 14.09
N LYS A 243 -4.33 1.94 13.77
CA LYS A 243 -4.07 2.37 12.40
C LYS A 243 -2.89 1.65 11.74
N THR A 244 -1.74 1.61 12.40
CA THR A 244 -0.57 1.01 11.76
C THR A 244 -0.73 -0.49 11.61
N LEU A 245 -1.50 -1.12 12.48
CA LEU A 245 -1.71 -2.56 12.40
C LEU A 245 -2.62 -2.88 11.22
N GLN A 246 -3.68 -2.09 11.06
CA GLN A 246 -4.58 -2.26 9.94
C GLN A 246 -3.77 -2.14 8.67
N GLN A 247 -2.88 -1.17 8.66
CA GLN A 247 -2.04 -0.94 7.50
C GLN A 247 -1.03 -2.08 7.29
N GLY A 248 -0.45 -2.55 8.40
CA GLY A 248 0.50 -3.66 8.34
C GLY A 248 -0.10 -4.92 7.76
N ILE A 249 -1.34 -5.24 8.15
CA ILE A 249 -2.05 -6.39 7.58
C ILE A 249 -2.19 -6.23 6.07
N GLN A 250 -2.60 -5.06 5.65
CA GLN A 250 -2.71 -4.79 4.24
C GLN A 250 -1.37 -4.97 3.51
N LEU A 251 -0.27 -4.47 4.06
CA LEU A 251 1.04 -4.62 3.44
C LEU A 251 1.46 -6.08 3.32
N ALA A 252 1.08 -6.90 4.30
CA ALA A 252 1.51 -8.29 4.24
C ALA A 252 0.78 -9.09 3.15
N GLN A 253 -0.38 -8.61 2.71
CA GLN A 253 -1.11 -9.22 1.59
C GLN A 253 -0.89 -8.54 0.25
N SER A 254 0.04 -7.60 0.21
CA SER A 254 0.43 -7.04 -1.10
C SER A 254 1.18 -8.07 -1.91
N ARG A 255 1.10 -7.96 -3.24
CA ARG A 255 1.80 -8.94 -4.08
C ARG A 255 3.14 -8.39 -4.53
N TYR A 256 4.25 -8.98 -4.06
CA TYR A 256 5.59 -8.44 -4.31
C TYR A 256 6.33 -9.12 -5.47
N TRP A 257 6.07 -10.41 -5.64
CA TRP A 257 6.71 -11.27 -6.64
C TRP A 257 5.74 -12.28 -7.12
N GLN A 258 5.93 -12.70 -8.37
CA GLN A 258 5.14 -13.79 -8.93
C GLN A 258 6.00 -14.96 -9.38
N THR A 259 5.62 -16.15 -8.95
CA THR A 259 6.18 -17.37 -9.53
CA THR A 259 6.19 -17.41 -9.46
C THR A 259 5.04 -18.31 -9.90
N GLY A 260 4.92 -18.61 -11.18
CA GLY A 260 3.82 -19.43 -11.64
C GLY A 260 2.54 -18.68 -11.36
N ASP A 261 1.61 -19.34 -10.68
CA ASP A 261 0.31 -18.75 -10.38
C ASP A 261 0.28 -18.14 -8.96
N MET A 262 1.40 -18.18 -8.25
CA MET A 262 1.39 -17.69 -6.88
CA MET A 262 1.47 -17.75 -6.85
C MET A 262 2.09 -16.36 -6.72
N TYR A 263 1.64 -15.58 -5.75
CA TYR A 263 2.26 -14.29 -5.46
C TYR A 263 2.77 -14.31 -4.04
N GLN A 264 3.91 -13.68 -3.83
CA GLN A 264 4.51 -13.66 -2.50
C GLN A 264 4.17 -12.36 -1.76
N GLY A 265 3.55 -12.49 -0.59
CA GLY A 265 3.31 -11.38 0.34
C GLY A 265 4.37 -11.38 1.42
N LEU A 266 4.08 -10.72 2.55
CA LEU A 266 4.99 -10.81 3.70
C LEU A 266 4.41 -11.92 4.58
N GLY A 267 5.02 -13.12 4.57
CA GLY A 267 4.44 -14.29 5.28
C GLY A 267 3.34 -14.96 4.46
N TRP A 268 2.25 -14.26 4.26
CA TRP A 268 1.19 -14.79 3.39
C TRP A 268 1.65 -15.05 1.95
N GLU A 269 1.04 -16.05 1.32
CA GLU A 269 1.13 -16.31 -0.14
C GLU A 269 -0.26 -16.23 -0.70
N MET A 270 -0.36 -15.79 -1.95
CA MET A 270 -1.71 -15.52 -2.50
C MET A 270 -1.82 -16.02 -3.93
N LEU A 271 -3.04 -16.41 -4.31
CA LEU A 271 -3.35 -16.71 -5.71
C LEU A 271 -4.65 -15.99 -6.07
N ASP A 272 -4.84 -15.70 -7.34
CA ASP A 272 -6.14 -15.18 -7.77
C ASP A 272 -7.26 -16.18 -7.52
N TRP A 273 -8.38 -15.67 -7.03
CA TRP A 273 -9.61 -16.44 -6.87
C TRP A 273 -10.54 -16.08 -8.03
N PRO A 274 -11.14 -17.08 -8.69
CA PRO A 274 -11.13 -18.50 -8.33
C PRO A 274 -9.82 -19.19 -8.68
N VAL A 275 -9.40 -20.08 -7.80
CA VAL A 275 -8.11 -20.71 -7.97
C VAL A 275 -8.40 -22.03 -8.56
N ASN A 276 -7.47 -22.51 -9.36
CA ASN A 276 -7.52 -23.89 -9.77
C ASN A 276 -7.00 -24.71 -8.59
N PRO A 277 -7.82 -25.63 -8.06
CA PRO A 277 -7.40 -26.39 -6.87
C PRO A 277 -6.11 -27.20 -7.04
N ASP A 278 -5.90 -27.81 -8.20
CA ASP A 278 -4.62 -28.49 -8.48
C ASP A 278 -3.47 -27.51 -8.46
N SER A 279 -3.76 -26.24 -8.71
CA SER A 279 -2.71 -25.23 -8.73
C SER A 279 -2.24 -24.96 -7.30
N ILE A 280 -3.19 -24.92 -6.35
CA ILE A 280 -2.82 -24.73 -4.94
C ILE A 280 -2.55 -26.04 -4.24
N ILE A 281 -3.25 -27.11 -4.64
CA ILE A 281 -3.03 -28.38 -3.98
C ILE A 281 -1.63 -28.90 -4.30
N ASN A 282 -1.34 -29.09 -5.58
CA ASN A 282 -0.02 -29.53 -6.00
C ASN A 282 1.02 -28.49 -5.57
N GLY A 283 0.61 -27.22 -5.59
CA GLY A 283 1.51 -26.12 -5.31
C GLY A 283 2.00 -26.13 -3.88
N SER A 284 1.17 -26.68 -2.99
CA SER A 284 1.49 -26.75 -1.56
C SER A 284 2.54 -27.80 -1.24
N ASP A 285 2.65 -28.80 -2.11
CA ASP A 285 3.61 -29.87 -1.91
C ASP A 285 5.01 -29.27 -1.79
N ASN A 286 5.78 -29.73 -0.80
CA ASN A 286 7.15 -29.23 -0.64
C ASN A 286 8.00 -29.39 -1.91
N LYS A 287 7.61 -30.30 -2.80
CA LYS A 287 8.27 -30.48 -4.11
C LYS A 287 8.31 -29.16 -4.90
N ILE A 288 7.27 -28.35 -4.71
CA ILE A 288 7.18 -27.06 -5.37
C ILE A 288 7.40 -25.92 -4.39
N ALA A 289 6.80 -26.02 -3.22
CA ALA A 289 6.84 -24.94 -2.24
C ALA A 289 8.28 -24.59 -1.77
N LEU A 290 9.15 -25.58 -1.74
CA LEU A 290 10.49 -25.41 -1.19
C LEU A 290 11.58 -25.28 -2.28
N ALA A 291 11.20 -25.38 -3.56
CA ALA A 291 12.14 -25.38 -4.70
C ALA A 291 12.70 -23.99 -5.04
N ALA A 292 13.85 -23.92 -5.75
CA ALA A 292 14.38 -22.65 -6.28
C ALA A 292 13.63 -22.30 -7.55
N ARG A 293 12.95 -21.15 -7.56
CA ARG A 293 12.14 -20.71 -8.68
C ARG A 293 12.42 -19.24 -9.07
N PRO A 294 12.59 -18.97 -10.36
CA PRO A 294 12.77 -17.58 -10.74
C PRO A 294 11.51 -16.79 -10.45
N VAL A 295 11.64 -15.53 -10.04
CA VAL A 295 10.49 -14.67 -9.76
C VAL A 295 10.45 -13.48 -10.68
N LYS A 296 9.23 -13.03 -10.96
CA LYS A 296 9.04 -11.76 -11.65
C LYS A 296 8.66 -10.72 -10.60
N ALA A 297 9.38 -9.60 -10.59
CA ALA A 297 9.03 -8.47 -9.72
C ALA A 297 7.69 -7.86 -10.12
N ILE A 298 6.87 -7.54 -9.12
CA ILE A 298 5.63 -6.82 -9.34
C ILE A 298 5.93 -5.37 -8.96
N THR A 299 6.06 -4.54 -10.01
CA THR A 299 6.64 -3.22 -9.87
C THR A 299 5.65 -2.16 -10.29
N PRO A 300 5.03 -1.44 -9.32
CA PRO A 300 5.14 -1.63 -7.87
C PRO A 300 4.21 -2.74 -7.39
N PRO A 301 4.39 -3.16 -6.13
CA PRO A 301 3.54 -4.25 -5.63
C PRO A 301 2.03 -3.94 -5.71
N THR A 302 1.24 -4.96 -6.01
CA THR A 302 -0.22 -4.79 -6.05
C THR A 302 -0.76 -4.80 -4.62
N PRO A 303 -1.59 -3.79 -4.27
CA PRO A 303 -2.20 -3.80 -2.94
C PRO A 303 -3.12 -5.00 -2.76
N ALA A 304 -3.32 -5.38 -1.50
CA ALA A 304 -4.11 -6.57 -1.22
C ALA A 304 -5.32 -6.71 -2.17
N VAL A 305 -5.33 -7.75 -2.96
CA VAL A 305 -6.46 -8.06 -3.83
C VAL A 305 -7.53 -8.89 -3.10
N ARG A 306 -8.74 -8.35 -2.98
CA ARG A 306 -9.80 -9.04 -2.25
C ARG A 306 -10.19 -10.41 -2.84
N ALA A 307 -10.17 -10.52 -4.17
CA ALA A 307 -10.45 -11.79 -4.86
C ALA A 307 -9.25 -12.74 -4.88
N SER A 308 -8.75 -13.10 -3.70
CA SER A 308 -7.56 -13.93 -3.59
C SER A 308 -7.84 -15.10 -2.71
N TRP A 309 -7.16 -16.21 -2.97
CA TRP A 309 -6.99 -17.30 -2.04
C TRP A 309 -5.68 -16.95 -1.32
N VAL A 310 -5.77 -16.58 -0.04
CA VAL A 310 -4.61 -16.17 0.73
C VAL A 310 -4.34 -17.31 1.70
N HIS A 311 -3.09 -17.76 1.80
CA HIS A 311 -2.86 -18.97 2.62
C HIS A 311 -1.43 -19.10 3.11
N LYS A 312 -1.25 -20.05 4.02
CA LYS A 312 0.08 -20.43 4.49
C LYS A 312 -0.01 -21.82 5.11
N THR A 313 0.91 -22.70 4.72
CA THR A 313 1.02 -23.98 5.41
C THR A 313 2.09 -23.82 6.50
N GLY A 314 2.02 -24.65 7.54
CA GLY A 314 3.10 -24.60 8.49
C GLY A 314 3.28 -25.93 9.16
N ALA A 315 4.51 -26.24 9.56
CA ALA A 315 4.76 -27.50 10.24
C ALA A 315 5.92 -27.42 11.18
N THR A 316 5.83 -28.14 12.28
CA THR A 316 7.02 -28.46 13.03
C THR A 316 7.20 -29.98 13.00
N GLY A 317 8.10 -30.53 13.81
CA GLY A 317 8.37 -31.94 13.66
C GLY A 317 7.14 -32.74 14.06
N GLY A 318 6.35 -32.16 14.96
CA GLY A 318 5.21 -32.82 15.54
C GLY A 318 3.84 -32.24 15.19
N PHE A 319 3.79 -31.17 14.39
CA PHE A 319 2.52 -30.50 14.13
C PHE A 319 2.39 -30.12 12.68
N GLY A 320 1.14 -30.06 12.20
CA GLY A 320 0.84 -29.60 10.85
C GLY A 320 -0.32 -28.62 10.84
N SER A 321 -0.14 -27.45 10.24
CA SER A 321 -1.18 -26.42 10.27
CA SER A 321 -1.20 -26.45 10.26
C SER A 321 -1.44 -25.85 8.89
N TYR A 322 -2.62 -25.26 8.72
CA TYR A 322 -2.94 -24.60 7.47
C TYR A 322 -3.97 -23.52 7.74
N VAL A 323 -3.79 -22.42 7.06
CA VAL A 323 -4.77 -21.34 7.11
C VAL A 323 -5.00 -20.87 5.69
N ALA A 324 -6.27 -20.67 5.32
CA ALA A 324 -6.58 -20.09 4.01
C ALA A 324 -7.82 -19.25 4.15
N PHE A 325 -7.89 -18.16 3.40
CA PHE A 325 -9.09 -17.30 3.44
C PHE A 325 -9.27 -16.60 2.11
N ILE A 326 -10.52 -16.20 1.83
CA ILE A 326 -10.82 -15.46 0.61
C ILE A 326 -11.53 -14.19 1.02
N PRO A 327 -10.81 -13.07 0.97
CA PRO A 327 -11.41 -11.84 1.50
C PRO A 327 -12.73 -11.45 0.84
N GLU A 328 -12.86 -11.65 -0.47
CA GLU A 328 -14.04 -11.17 -1.16
C GLU A 328 -15.31 -11.92 -0.74
N LYS A 329 -15.12 -13.07 -0.11
CA LYS A 329 -16.25 -13.92 0.25
C LYS A 329 -16.45 -13.96 1.76
N GLU A 330 -15.62 -13.23 2.50
CA GLU A 330 -15.65 -13.26 3.96
CA GLU A 330 -15.67 -13.26 3.97
C GLU A 330 -15.59 -14.71 4.47
N LEU A 331 -14.74 -15.51 3.83
CA LEU A 331 -14.66 -16.93 4.09
C LEU A 331 -13.23 -17.37 4.40
N GLY A 332 -13.08 -18.28 5.34
CA GLY A 332 -11.74 -18.79 5.65
C GLY A 332 -11.76 -20.02 6.52
N ILE A 333 -10.58 -20.60 6.72
CA ILE A 333 -10.49 -21.85 7.46
C ILE A 333 -9.10 -21.91 8.13
N VAL A 334 -9.09 -22.52 9.31
CA VAL A 334 -7.87 -22.87 10.03
C VAL A 334 -7.93 -24.36 10.35
N MET A 335 -6.85 -25.08 10.06
CA MET A 335 -6.73 -26.49 10.40
C MET A 335 -5.46 -26.68 11.21
N LEU A 336 -5.60 -27.10 12.47
CA LEU A 336 -4.44 -27.33 13.37
C LEU A 336 -4.45 -28.79 13.75
N ALA A 337 -3.31 -29.45 13.59
CA ALA A 337 -3.19 -30.88 13.91
C ALA A 337 -1.90 -31.15 14.64
N ASN A 338 -1.91 -32.12 15.56
CA ASN A 338 -0.66 -32.53 16.18
C ASN A 338 0.03 -33.73 15.54
N LYS A 339 0.09 -33.71 14.21
CA LYS A 339 0.98 -34.56 13.43
C LYS A 339 1.34 -33.73 12.18
N ASN A 340 2.59 -33.80 11.75
CA ASN A 340 2.98 -33.15 10.50
C ASN A 340 2.62 -34.09 9.32
N TYR A 341 1.49 -33.87 8.68
CA TYR A 341 1.03 -34.76 7.59
C TYR A 341 1.14 -33.94 6.31
N PRO A 342 1.13 -34.59 5.15
CA PRO A 342 1.50 -33.88 3.90
C PRO A 342 0.64 -32.66 3.55
N ASN A 343 1.33 -31.62 3.05
CA ASN A 343 0.66 -30.36 2.67
C ASN A 343 -0.49 -30.51 1.71
N PRO A 344 -0.32 -31.34 0.65
CA PRO A 344 -1.43 -31.41 -0.31
C PRO A 344 -2.74 -31.94 0.28
N ALA A 345 -2.64 -32.80 1.29
CA ALA A 345 -3.83 -33.29 1.98
C ALA A 345 -4.54 -32.17 2.72
N ARG A 346 -3.75 -31.25 3.30
CA ARG A 346 -4.29 -30.11 3.99
C ARG A 346 -5.05 -29.21 3.02
N VAL A 347 -4.38 -28.85 1.93
CA VAL A 347 -4.96 -27.91 0.97
C VAL A 347 -6.19 -28.53 0.31
N ASP A 348 -6.12 -29.80 -0.01
CA ASP A 348 -7.27 -30.50 -0.64
C ASP A 348 -8.51 -30.39 0.26
N ALA A 349 -8.31 -30.65 1.54
CA ALA A 349 -9.40 -30.60 2.49
C ALA A 349 -9.94 -29.22 2.63
N ALA A 350 -9.05 -28.22 2.74
CA ALA A 350 -9.50 -26.86 2.86
C ALA A 350 -10.28 -26.42 1.62
N TRP A 351 -9.81 -26.81 0.44
CA TRP A 351 -10.48 -26.37 -0.78
C TRP A 351 -11.88 -26.98 -0.86
N GLN A 352 -11.96 -28.27 -0.53
CA GLN A 352 -13.23 -28.97 -0.54
CA GLN A 352 -13.23 -29.00 -0.49
C GLN A 352 -14.23 -28.25 0.39
N ILE A 353 -13.79 -27.89 1.60
CA ILE A 353 -14.65 -27.13 2.51
C ILE A 353 -15.04 -25.73 2.01
N LEU A 354 -14.06 -24.90 1.64
CA LEU A 354 -14.38 -23.55 1.20
C LEU A 354 -15.12 -23.53 -0.15
N ASN A 355 -14.73 -24.39 -1.08
CA ASN A 355 -15.45 -24.41 -2.35
C ASN A 355 -16.95 -24.66 -2.11
N ALA A 356 -17.25 -25.64 -1.27
CA ALA A 356 -18.64 -26.02 -0.93
C ALA A 356 -19.42 -24.86 -0.30
N LEU A 357 -18.73 -23.99 0.44
CA LEU A 357 -19.44 -22.93 1.17
C LEU A 357 -19.49 -21.66 0.39
N GLN A 358 -18.75 -21.62 -0.71
CA GLN A 358 -18.50 -20.34 -1.37
C GLN A 358 -19.55 -20.04 -2.41
N ALA B 1 -11.00 33.23 13.22
CA ALA B 1 -9.76 32.48 13.36
C ALA B 1 -8.92 32.95 14.54
N PRO B 2 -8.12 32.02 15.12
CA PRO B 2 -7.14 32.41 16.12
C PRO B 2 -6.32 33.58 15.62
N GLN B 3 -5.90 34.43 16.54
CA GLN B 3 -5.17 35.62 16.15
C GLN B 3 -3.84 35.30 15.42
N GLN B 4 -3.20 34.21 15.82
CA GLN B 4 -1.90 33.84 15.23
C GLN B 4 -2.08 33.52 13.74
N ILE B 5 -3.20 32.91 13.38
CA ILE B 5 -3.45 32.60 11.98
C ILE B 5 -3.76 33.88 11.21
N ASN B 6 -4.69 34.69 11.73
CA ASN B 6 -5.02 35.96 11.10
C ASN B 6 -3.76 36.81 10.86
N ASP B 7 -2.91 36.88 11.90
CA ASP B 7 -1.69 37.67 11.82
C ASP B 7 -0.76 37.23 10.70
N ILE B 8 -0.39 35.95 10.68
CA ILE B 8 0.60 35.50 9.70
C ILE B 8 0.01 35.54 8.30
N VAL B 9 -1.28 35.21 8.16
CA VAL B 9 -1.85 35.26 6.82
C VAL B 9 -1.87 36.69 6.27
N HIS B 10 -2.29 37.63 7.12
CA HIS B 10 -2.43 39.02 6.69
C HIS B 10 -1.04 39.59 6.36
N ARG B 11 -0.04 39.31 7.21
CA ARG B 11 1.31 39.81 6.98
CA ARG B 11 1.31 39.80 6.98
C ARG B 11 1.98 39.20 5.75
N THR B 12 1.53 38.01 5.33
CA THR B 12 2.18 37.29 4.23
C THR B 12 1.43 37.43 2.91
N ILE B 13 0.15 37.08 2.92
CA ILE B 13 -0.62 37.07 1.68
C ILE B 13 -0.99 38.47 1.23
N THR B 14 -1.40 39.34 2.16
CA THR B 14 -1.87 40.64 1.73
C THR B 14 -0.79 41.40 0.97
N PRO B 15 0.46 41.39 1.47
CA PRO B 15 1.57 41.97 0.71
C PRO B 15 1.94 41.26 -0.59
N LEU B 16 1.83 39.93 -0.63
CA LEU B 16 2.06 39.17 -1.86
C LEU B 16 1.11 39.63 -2.97
N ILE B 17 -0.16 39.82 -2.61
CA ILE B 17 -1.18 40.29 -3.56
C ILE B 17 -0.76 41.64 -4.15
N GLU B 18 -0.32 42.54 -3.28
CA GLU B 18 0.15 43.85 -3.72
C GLU B 18 1.37 43.72 -4.63
N GLN B 19 2.35 42.92 -4.22
CA GLN B 19 3.58 42.70 -5.01
C GLN B 19 3.35 42.06 -6.37
N GLN B 20 2.39 41.15 -6.46
CA GLN B 20 2.20 40.38 -7.68
C GLN B 20 1.08 40.94 -8.54
N LYS B 21 0.43 41.98 -8.04
CA LYS B 21 -0.68 42.59 -8.75
C LYS B 21 -1.79 41.57 -9.01
N ILE B 22 -2.14 40.82 -7.97
CA ILE B 22 -3.15 39.76 -8.08
C ILE B 22 -4.56 40.33 -7.93
N PRO B 23 -5.41 40.15 -8.97
CA PRO B 23 -6.74 40.73 -8.92
C PRO B 23 -7.62 40.17 -7.81
N GLY B 24 -7.60 38.85 -7.65
CA GLY B 24 -8.42 38.23 -6.62
C GLY B 24 -7.76 36.98 -6.08
N MET B 25 -8.02 36.67 -4.81
CA MET B 25 -7.33 35.57 -4.15
C MET B 25 -8.17 34.98 -3.02
N ALA B 26 -8.11 33.66 -2.88
CA ALA B 26 -8.72 33.02 -1.76
C ALA B 26 -7.68 32.11 -1.13
N VAL B 27 -7.67 32.06 0.20
CA VAL B 27 -6.72 31.22 0.91
C VAL B 27 -7.45 30.43 1.97
N ALA B 28 -7.09 29.16 2.16
CA ALA B 28 -7.62 28.43 3.31
C ALA B 28 -6.40 27.92 4.09
N VAL B 29 -6.47 28.04 5.41
CA VAL B 29 -5.45 27.43 6.26
C VAL B 29 -6.15 26.36 7.07
N ILE B 30 -5.61 25.15 7.07
CA ILE B 30 -6.17 24.09 7.90
C ILE B 30 -5.23 24.00 9.08
N TYR B 31 -5.77 24.14 10.29
CA TYR B 31 -4.95 24.23 11.49
C TYR B 31 -5.61 23.34 12.51
N GLN B 32 -4.84 22.41 13.07
CA GLN B 32 -5.41 21.37 13.93
C GLN B 32 -6.67 20.80 13.27
N GLY B 33 -6.56 20.58 11.96
CA GLY B 33 -7.61 19.95 11.19
C GLY B 33 -8.82 20.80 10.81
N LYS B 34 -8.92 22.02 11.32
CA LYS B 34 -10.08 22.89 11.01
C LYS B 34 -9.71 23.97 9.99
N PRO B 35 -10.63 24.30 9.07
CA PRO B 35 -10.33 25.29 8.02
C PRO B 35 -10.65 26.72 8.41
N TYR B 36 -9.82 27.64 7.93
CA TYR B 36 -10.04 29.08 8.13
C TYR B 36 -9.83 29.77 6.80
N TYR B 37 -10.75 30.67 6.45
CA TYR B 37 -10.80 31.19 5.10
C TYR B 37 -10.51 32.67 5.04
N PHE B 38 -9.90 33.09 3.93
CA PHE B 38 -9.47 34.46 3.71
C PHE B 38 -9.74 34.79 2.24
N THR B 39 -10.30 35.96 1.97
CA THR B 39 -10.52 36.34 0.58
C THR B 39 -10.13 37.79 0.37
N TRP B 40 -9.75 38.09 -0.86
CA TRP B 40 -9.33 39.44 -1.22
C TRP B 40 -9.77 39.67 -2.64
N GLY B 41 -10.19 40.89 -2.94
CA GLY B 41 -10.25 41.31 -4.32
C GLY B 41 -11.45 40.81 -5.10
N TYR B 42 -11.27 40.76 -6.42
CA TYR B 42 -12.33 40.49 -7.36
C TYR B 42 -12.17 39.18 -8.16
N ALA B 43 -13.24 38.38 -8.17
CA ALA B 43 -13.40 37.26 -9.12
C ALA B 43 -13.54 37.80 -10.54
N ASP B 44 -14.30 38.89 -10.67
CA ASP B 44 -14.58 39.53 -11.96
C ASP B 44 -14.43 41.04 -11.77
N ILE B 45 -13.36 41.58 -12.32
CA ILE B 45 -12.96 42.97 -12.13
C ILE B 45 -14.00 43.94 -12.72
N ALA B 46 -14.32 43.74 -13.99
CA ALA B 46 -15.31 44.58 -14.68
C ALA B 46 -16.65 44.65 -13.97
N LYS B 47 -17.20 43.51 -13.57
CA LYS B 47 -18.45 43.49 -12.80
C LYS B 47 -18.22 43.80 -11.33
N LYS B 48 -16.96 44.00 -10.97
CA LYS B 48 -16.58 44.13 -9.57
C LYS B 48 -17.28 43.10 -8.70
N GLN B 49 -17.19 41.82 -9.09
CA GLN B 49 -17.69 40.73 -8.25
C GLN B 49 -16.56 40.31 -7.30
N PRO B 50 -16.83 40.37 -5.98
CA PRO B 50 -15.82 39.97 -5.00
C PRO B 50 -15.53 38.48 -5.10
N VAL B 51 -14.32 38.10 -4.69
CA VAL B 51 -14.04 36.71 -4.41
C VAL B 51 -14.82 36.37 -3.17
N THR B 52 -15.50 35.24 -3.20
CA THR B 52 -16.16 34.74 -2.01
C THR B 52 -15.73 33.28 -1.80
N GLN B 53 -16.25 32.70 -0.74
CA GLN B 53 -16.05 31.29 -0.44
C GLN B 53 -16.68 30.38 -1.49
N GLN B 54 -17.60 30.93 -2.29
CA GLN B 54 -18.25 30.18 -3.36
C GLN B 54 -17.61 30.41 -4.73
N THR B 55 -16.53 31.19 -4.78
CA THR B 55 -15.89 31.48 -6.05
C THR B 55 -15.10 30.28 -6.63
N LEU B 56 -15.34 29.91 -7.89
CA LEU B 56 -14.55 28.85 -8.54
C LEU B 56 -13.30 29.37 -9.25
N PHE B 57 -12.15 28.74 -8.97
CA PHE B 57 -10.88 29.07 -9.59
C PHE B 57 -10.41 27.87 -10.42
N GLU B 58 -9.68 28.10 -11.51
CA GLU B 58 -9.03 27.01 -12.25
C GLU B 58 -7.83 26.53 -11.47
N LEU B 59 -7.76 25.23 -11.23
CA LEU B 59 -6.65 24.71 -10.44
C LEU B 59 -5.44 24.44 -11.28
N GLY B 60 -5.60 24.39 -12.61
CA GLY B 60 -4.46 24.03 -13.42
C GLY B 60 -3.93 22.66 -12.98
N SER B 61 -2.61 22.54 -12.87
CA SER B 61 -1.99 21.25 -12.55
C SER B 61 -2.25 20.69 -11.14
N VAL B 62 -2.81 21.49 -10.23
CA VAL B 62 -3.29 20.92 -8.97
C VAL B 62 -4.37 19.86 -9.26
N SER B 63 -4.94 19.92 -10.47
CA SER B 63 -5.88 18.88 -10.88
C SER B 63 -5.26 17.49 -10.90
N LYS B 64 -3.95 17.45 -11.15
CA LYS B 64 -3.21 16.18 -11.20
C LYS B 64 -3.31 15.43 -9.87
N THR B 65 -3.52 16.13 -8.75
CA THR B 65 -3.70 15.43 -7.47
C THR B 65 -5.02 14.70 -7.48
N PHE B 66 -6.04 15.29 -8.12
CA PHE B 66 -7.32 14.56 -8.24
C PHE B 66 -7.16 13.33 -9.14
N THR B 67 -6.42 13.51 -10.23
CA THR B 67 -6.20 12.41 -11.17
C THR B 67 -5.41 11.30 -10.46
N GLY B 68 -4.45 11.66 -9.62
CA GLY B 68 -3.63 10.64 -8.99
C GLY B 68 -4.47 9.84 -7.96
N VAL B 69 -5.33 10.55 -7.25
CA VAL B 69 -6.23 9.92 -6.25
C VAL B 69 -7.30 9.06 -6.94
N LEU B 70 -7.81 9.51 -8.07
CA LEU B 70 -8.79 8.72 -8.85
C LEU B 70 -8.11 7.41 -9.35
N GLY B 71 -6.86 7.54 -9.79
CA GLY B 71 -6.10 6.38 -10.20
C GLY B 71 -5.89 5.47 -9.01
N GLY B 72 -5.62 6.06 -7.86
CA GLY B 72 -5.34 5.30 -6.65
C GLY B 72 -6.58 4.52 -6.27
N ASP B 73 -7.74 5.15 -6.43
CA ASP B 73 -9.00 4.51 -6.08
C ASP B 73 -9.29 3.32 -7.00
N ALA B 74 -8.93 3.44 -8.28
CA ALA B 74 -9.13 2.38 -9.26
C ALA B 74 -8.18 1.22 -8.99
N ILE B 75 -7.00 1.51 -8.45
CA ILE B 75 -6.08 0.44 -8.05
C ILE B 75 -6.70 -0.29 -6.85
N ALA B 76 -7.26 0.49 -5.93
CA ALA B 76 -7.85 -0.09 -4.71
C ALA B 76 -9.06 -0.94 -5.04
N ARG B 77 -9.76 -0.59 -6.12
CA ARG B 77 -10.94 -1.34 -6.57
C ARG B 77 -10.55 -2.59 -7.36
N GLY B 78 -9.24 -2.80 -7.54
CA GLY B 78 -8.75 -3.91 -8.34
C GLY B 78 -9.00 -3.78 -9.85
N GLU B 79 -9.36 -2.57 -10.32
CA GLU B 79 -9.60 -2.32 -11.74
C GLU B 79 -8.32 -2.19 -12.59
N ILE B 80 -7.29 -1.63 -11.98
CA ILE B 80 -6.00 -1.48 -12.65
C ILE B 80 -4.87 -1.81 -11.68
N LYS B 81 -3.69 -2.07 -12.24
CA LYS B 81 -2.47 -2.17 -11.46
CA LYS B 81 -2.46 -2.20 -11.48
C LYS B 81 -1.43 -1.26 -12.09
N LEU B 82 -0.65 -0.62 -11.23
CA LEU B 82 0.40 0.27 -11.75
C LEU B 82 1.50 -0.50 -12.45
N SER B 83 1.59 -1.80 -12.16
CA SER B 83 2.55 -2.69 -12.81
C SER B 83 2.14 -3.12 -14.20
N ASP B 84 0.92 -2.81 -14.61
CA ASP B 84 0.42 -3.26 -15.91
C ASP B 84 0.98 -2.44 -17.07
N PRO B 85 1.26 -3.11 -18.20
CA PRO B 85 1.65 -2.38 -19.41
C PRO B 85 0.56 -1.41 -19.82
N THR B 86 0.98 -0.30 -20.41
CA THR B 86 0.05 0.68 -20.96
C THR B 86 -0.88 0.00 -21.96
N THR B 87 -0.31 -0.92 -22.73
CA THR B 87 -1.03 -1.56 -23.82
C THR B 87 -2.16 -2.45 -23.32
N LYS B 88 -2.15 -2.82 -22.04
CA LYS B 88 -3.26 -3.61 -21.51
C LYS B 88 -4.60 -2.85 -21.60
N TYR B 89 -4.55 -1.53 -21.41
CA TYR B 89 -5.76 -0.72 -21.35
C TYR B 89 -5.91 0.09 -22.64
N TRP B 90 -4.87 0.08 -23.48
CA TRP B 90 -4.95 0.70 -24.81
C TRP B 90 -4.38 -0.27 -25.83
N PRO B 91 -5.17 -1.31 -26.18
CA PRO B 91 -4.61 -2.38 -27.00
C PRO B 91 -4.18 -1.89 -28.37
N GLU B 92 -4.75 -0.77 -28.82
CA GLU B 92 -4.42 -0.16 -30.11
C GLU B 92 -3.02 0.49 -30.15
N LEU B 93 -2.41 0.66 -28.98
CA LEU B 93 -1.07 1.25 -28.92
C LEU B 93 -0.03 0.13 -29.06
N THR B 94 0.25 -0.24 -30.30
CA THR B 94 1.07 -1.40 -30.60
C THR B 94 2.54 -1.13 -30.94
N ALA B 95 2.92 0.14 -31.09
CA ALA B 95 4.28 0.44 -31.49
C ALA B 95 5.30 -0.08 -30.46
N LYS B 96 6.43 -0.59 -30.95
CA LYS B 96 7.38 -1.31 -30.13
C LYS B 96 7.99 -0.52 -28.97
N GLN B 97 8.03 0.80 -29.07
CA GLN B 97 8.64 1.62 -28.00
C GLN B 97 7.79 1.60 -26.72
N TRP B 98 6.60 1.03 -26.80
CA TRP B 98 5.72 1.06 -25.64
C TRP B 98 5.91 -0.19 -24.80
N ASN B 99 6.67 -1.16 -25.32
CA ASN B 99 6.98 -2.32 -24.52
C ASN B 99 7.77 -1.92 -23.27
N GLY B 100 7.25 -2.26 -22.12
CA GLY B 100 7.90 -1.91 -20.88
C GLY B 100 7.45 -0.60 -20.27
N ILE B 101 6.62 0.16 -20.98
CA ILE B 101 6.06 1.37 -20.38
C ILE B 101 4.77 1.00 -19.65
N THR B 102 4.79 1.14 -18.32
CA THR B 102 3.66 0.73 -17.50
C THR B 102 2.84 1.94 -17.02
N LEU B 103 1.68 1.68 -16.42
CA LEU B 103 0.90 2.79 -15.86
C LEU B 103 1.67 3.58 -14.80
N LEU B 104 2.53 2.91 -14.03
CA LEU B 104 3.35 3.60 -13.05
C LEU B 104 4.16 4.70 -13.77
N HIS B 105 4.78 4.33 -14.87
CA HIS B 105 5.62 5.29 -15.65
C HIS B 105 4.79 6.49 -16.11
N LEU B 106 3.60 6.20 -16.64
CA LEU B 106 2.74 7.32 -17.04
C LEU B 106 2.38 8.20 -15.87
N ALA B 107 1.97 7.61 -14.75
CA ALA B 107 1.50 8.42 -13.65
C ALA B 107 2.56 9.30 -13.01
N THR B 108 3.82 8.89 -13.13
CA THR B 108 4.92 9.52 -12.38
C THR B 108 5.93 10.19 -13.32
N TYR B 109 5.58 10.29 -14.59
CA TYR B 109 6.37 11.08 -15.56
C TYR B 109 7.68 10.40 -15.89
N THR B 110 7.74 9.07 -15.74
CA THR B 110 8.99 8.34 -15.92
C THR B 110 8.99 7.42 -17.14
N ALA B 111 8.07 7.65 -18.09
CA ALA B 111 7.99 6.79 -19.27
C ALA B 111 9.18 6.94 -20.22
N GLY B 112 9.91 8.04 -20.09
CA GLY B 112 11.06 8.27 -20.94
C GLY B 112 11.01 9.50 -21.82
N GLY B 113 10.43 10.57 -21.32
CA GLY B 113 10.41 11.81 -22.06
C GLY B 113 9.17 12.13 -22.86
N LEU B 114 8.02 11.64 -22.41
CA LEU B 114 6.77 12.13 -22.98
C LEU B 114 6.71 13.66 -22.78
N PRO B 115 6.24 14.40 -23.78
CA PRO B 115 6.40 15.87 -23.70
C PRO B 115 5.49 16.60 -22.73
N LEU B 116 6.03 17.70 -22.20
CA LEU B 116 5.28 18.59 -21.34
C LEU B 116 3.84 18.82 -21.81
N GLN B 117 3.65 19.12 -23.09
CA GLN B 117 2.30 19.37 -23.59
C GLN B 117 1.99 18.38 -24.72
N VAL B 118 0.74 17.95 -24.78
CA VAL B 118 0.27 17.33 -26.01
C VAL B 118 0.16 18.49 -27.01
N PRO B 119 0.74 18.33 -28.21
CA PRO B 119 0.65 19.41 -29.21
C PRO B 119 -0.76 19.92 -29.37
N ASP B 120 -0.90 21.22 -29.62
CA ASP B 120 -2.24 21.81 -29.67
CA ASP B 120 -2.21 21.86 -29.71
C ASP B 120 -3.04 21.31 -30.86
N GLU B 121 -2.36 20.81 -31.89
CA GLU B 121 -3.04 20.31 -33.09
C GLU B 121 -3.72 18.97 -32.84
N VAL B 122 -3.30 18.28 -31.79
CA VAL B 122 -3.88 16.98 -31.47
C VAL B 122 -5.21 17.23 -30.78
N LYS B 123 -6.27 16.70 -31.37
CA LYS B 123 -7.60 16.94 -30.89
C LYS B 123 -8.33 15.62 -30.69
N SER B 124 -8.62 14.96 -31.81
CA SER B 124 -9.46 13.77 -31.85
C SER B 124 -8.78 12.54 -31.25
N SER B 125 -9.57 11.53 -30.97
CA SER B 125 -9.02 10.28 -30.45
C SER B 125 -8.06 9.69 -31.46
N SER B 126 -8.39 9.91 -32.73
CA SER B 126 -7.54 9.47 -33.84
C SER B 126 -6.17 10.16 -33.78
N ASP B 127 -6.20 11.46 -33.56
CA ASP B 127 -4.98 12.30 -33.46
C ASP B 127 -4.13 11.84 -32.30
N LEU B 128 -4.80 11.53 -31.19
CA LEU B 128 -4.11 11.15 -29.98
C LEU B 128 -3.39 9.80 -30.15
N LEU B 129 -4.08 8.80 -30.70
CA LEU B 129 -3.40 7.53 -30.95
C LEU B 129 -2.17 7.74 -31.83
N ARG B 130 -2.33 8.51 -32.89
CA ARG B 130 -1.25 8.78 -33.82
C ARG B 130 -0.05 9.41 -33.09
N PHE B 131 -0.34 10.39 -32.24
CA PHE B 131 0.70 11.09 -31.48
C PHE B 131 1.49 10.12 -30.62
N TYR B 132 0.79 9.32 -29.81
CA TYR B 132 1.49 8.32 -28.98
C TYR B 132 2.18 7.20 -29.77
N GLN B 133 1.58 6.73 -30.87
CA GLN B 133 2.22 5.69 -31.66
C GLN B 133 3.52 6.18 -32.33
N ASN B 134 3.55 7.48 -32.61
CA ASN B 134 4.71 8.10 -33.28
C ASN B 134 5.76 8.64 -32.30
N TRP B 135 5.44 8.66 -31.01
CA TRP B 135 6.34 9.26 -30.04
C TRP B 135 7.55 8.37 -29.84
N GLN B 136 8.75 8.97 -29.83
CA GLN B 136 9.97 8.22 -29.66
C GLN B 136 10.63 8.70 -28.37
N PRO B 137 10.97 7.78 -27.47
CA PRO B 137 11.45 8.22 -26.16
C PRO B 137 12.87 8.82 -26.17
N ALA B 138 13.09 9.77 -25.26
CA ALA B 138 14.41 10.34 -25.00
C ALA B 138 15.30 9.43 -24.14
N TRP B 139 14.68 8.60 -23.29
CA TRP B 139 15.39 7.71 -22.37
C TRP B 139 14.60 6.44 -22.20
N ALA B 140 15.23 5.41 -21.64
CA ALA B 140 14.51 4.16 -21.29
C ALA B 140 13.48 4.39 -20.20
N PRO B 141 12.46 3.51 -20.10
CA PRO B 141 11.45 3.70 -19.06
C PRO B 141 12.07 3.60 -17.66
N GLY B 142 11.58 4.42 -16.74
CA GLY B 142 11.94 4.27 -15.33
C GLY B 142 13.34 4.76 -15.01
N THR B 143 13.82 5.71 -15.80
CA THR B 143 15.18 6.24 -15.59
C THR B 143 15.21 7.75 -15.32
N GLN B 144 14.34 8.51 -15.95
CA GLN B 144 14.33 9.97 -15.82
C GLN B 144 12.91 10.44 -15.60
N ARG B 145 12.74 11.39 -14.69
CA ARG B 145 11.48 12.09 -14.49
C ARG B 145 11.45 13.36 -15.34
N LEU B 146 10.45 13.47 -16.20
CA LEU B 146 10.22 14.71 -16.94
C LEU B 146 8.76 15.10 -16.82
N TYR B 147 8.48 16.12 -16.02
CA TYR B 147 7.10 16.53 -15.77
C TYR B 147 6.36 16.73 -17.08
N ALA B 148 5.18 16.11 -17.20
CA ALA B 148 4.50 16.09 -18.50
C ALA B 148 2.99 15.85 -18.41
N ASN B 149 2.22 16.74 -19.04
CA ASN B 149 0.79 16.55 -19.14
C ASN B 149 0.47 15.33 -19.97
N SER B 150 1.28 15.04 -20.99
CA SER B 150 1.02 13.94 -21.89
C SER B 150 1.24 12.59 -21.21
N SER B 151 1.93 12.61 -20.07
CA SER B 151 2.21 11.40 -19.32
C SER B 151 1.07 11.12 -18.34
N ILE B 152 0.88 12.02 -17.38
CA ILE B 152 -0.18 11.80 -16.39
C ILE B 152 -1.59 11.93 -16.99
N GLY B 153 -1.74 12.79 -18.00
CA GLY B 153 -3.00 12.86 -18.70
C GLY B 153 -3.41 11.50 -19.27
N LEU B 154 -2.46 10.78 -19.86
CA LEU B 154 -2.77 9.46 -20.44
C LEU B 154 -3.06 8.47 -19.33
N PHE B 155 -2.29 8.53 -18.25
CA PHE B 155 -2.61 7.70 -17.08
C PHE B 155 -4.08 7.85 -16.69
N GLY B 156 -4.53 9.09 -16.58
CA GLY B 156 -5.87 9.32 -16.08
C GLY B 156 -6.91 8.72 -17.00
N ALA B 157 -6.71 8.94 -18.29
CA ALA B 157 -7.62 8.40 -19.32
C ALA B 157 -7.68 6.87 -19.30
N LEU B 158 -6.53 6.23 -19.18
CA LEU B 158 -6.51 4.77 -19.16
C LEU B 158 -6.97 4.18 -17.81
N ALA B 159 -6.73 4.89 -16.71
CA ALA B 159 -7.11 4.41 -15.38
C ALA B 159 -8.59 4.14 -15.25
N VAL B 160 -9.39 4.92 -15.98
CA VAL B 160 -10.83 4.79 -15.84
C VAL B 160 -11.42 3.82 -16.88
N LYS B 161 -10.58 3.26 -17.76
CA LYS B 161 -11.14 2.42 -18.84
C LYS B 161 -11.92 1.21 -18.33
N PRO B 162 -11.32 0.42 -17.41
CA PRO B 162 -12.00 -0.76 -16.86
C PRO B 162 -13.39 -0.44 -16.27
N SER B 163 -13.55 0.72 -15.62
CA SER B 163 -14.82 1.11 -15.02
C SER B 163 -15.90 1.35 -16.07
N GLY B 164 -15.47 1.59 -17.31
CA GLY B 164 -16.37 1.99 -18.39
C GLY B 164 -16.98 3.39 -18.32
N LEU B 165 -16.71 4.12 -17.24
CA LEU B 165 -17.20 5.49 -17.06
C LEU B 165 -16.31 6.47 -17.80
N SER B 166 -16.86 7.62 -18.18
CA SER B 166 -16.00 8.67 -18.70
C SER B 166 -15.10 9.17 -17.55
N PHE B 167 -14.02 9.84 -17.89
CA PHE B 167 -13.17 10.40 -16.83
C PHE B 167 -13.95 11.33 -15.91
N GLU B 168 -14.75 12.21 -16.51
CA GLU B 168 -15.52 13.14 -15.73
C GLU B 168 -16.49 12.42 -14.77
N GLN B 169 -17.24 11.44 -15.29
CA GLN B 169 -18.15 10.69 -14.44
C GLN B 169 -17.46 9.93 -13.33
N ALA B 170 -16.32 9.31 -13.63
CA ALA B 170 -15.57 8.60 -12.60
C ALA B 170 -15.13 9.58 -11.53
N MET B 171 -14.58 10.72 -11.95
CA MET B 171 -14.12 11.72 -10.98
C MET B 171 -15.27 12.24 -10.13
N GLN B 172 -16.40 12.53 -10.77
CA GLN B 172 -17.53 13.06 -10.01
C GLN B 172 -18.04 12.07 -9.00
N THR B 173 -18.27 10.83 -9.45
CA THR B 173 -18.94 9.85 -8.60
C THR B 173 -18.01 9.16 -7.60
N ARG B 174 -16.70 9.14 -7.90
CA ARG B 174 -15.78 8.37 -7.06
C ARG B 174 -14.94 9.23 -6.16
N VAL B 175 -14.79 10.50 -6.52
CA VAL B 175 -13.97 11.41 -5.72
C VAL B 175 -14.74 12.63 -5.19
N PHE B 176 -15.34 13.41 -6.10
CA PHE B 176 -15.94 14.70 -5.72
C PHE B 176 -17.12 14.45 -4.76
N GLN B 177 -18.03 13.55 -5.13
CA GLN B 177 -19.23 13.33 -4.31
C GLN B 177 -19.02 12.70 -2.95
N PRO B 178 -18.23 11.63 -2.87
CA PRO B 178 -17.98 11.07 -1.54
C PRO B 178 -17.32 12.09 -0.60
N LEU B 179 -16.53 13.02 -1.14
CA LEU B 179 -15.84 14.02 -0.31
C LEU B 179 -16.68 15.28 -0.14
N LYS B 180 -17.87 15.25 -0.75
CA LYS B 180 -18.81 16.35 -0.66
C LYS B 180 -18.20 17.65 -1.18
N LEU B 181 -17.48 17.52 -2.27
CA LEU B 181 -16.93 18.68 -2.98
C LEU B 181 -18.05 19.12 -3.91
N ASN B 182 -18.97 19.92 -3.37
CA ASN B 182 -20.24 20.20 -4.04
C ASN B 182 -20.20 21.36 -5.06
N HIS B 183 -19.06 22.05 -5.13
CA HIS B 183 -18.85 23.16 -6.08
C HIS B 183 -17.52 23.00 -6.84
N THR B 184 -17.19 21.73 -7.14
CA THR B 184 -16.00 21.36 -7.88
C THR B 184 -16.44 20.66 -9.16
N TRP B 185 -15.87 21.09 -10.27
CA TRP B 185 -16.28 20.67 -11.62
C TRP B 185 -15.12 20.59 -12.60
N ILE B 186 -15.20 19.61 -13.50
CA ILE B 186 -14.35 19.60 -14.67
C ILE B 186 -14.97 20.47 -15.78
N ASN B 187 -16.28 20.36 -15.95
CA ASN B 187 -17.03 21.27 -16.82
C ASN B 187 -18.01 22.04 -15.95
N VAL B 188 -17.81 23.36 -15.87
CA VAL B 188 -18.61 24.20 -14.99
C VAL B 188 -20.01 24.34 -15.59
N PRO B 189 -21.05 23.92 -14.86
CA PRO B 189 -22.39 23.95 -15.47
C PRO B 189 -22.95 25.37 -15.40
N PRO B 190 -23.99 25.67 -16.19
CA PRO B 190 -24.52 27.03 -16.27
C PRO B 190 -24.85 27.67 -14.91
N ALA B 191 -25.41 26.89 -13.98
CA ALA B 191 -25.74 27.39 -12.64
C ALA B 191 -24.52 27.98 -11.90
N GLU B 192 -23.32 27.48 -12.19
CA GLU B 192 -22.12 27.97 -11.51
C GLU B 192 -21.35 29.04 -12.27
N GLU B 193 -21.77 29.34 -13.50
CA GLU B 193 -21.04 30.33 -14.28
C GLU B 193 -20.82 31.65 -13.53
N LYS B 194 -21.84 32.10 -12.81
CA LYS B 194 -21.77 33.39 -12.10
C LYS B 194 -20.74 33.40 -10.95
N ASN B 195 -20.34 32.21 -10.53
CA ASN B 195 -19.31 32.06 -9.50
C ASN B 195 -17.96 31.71 -10.07
N TYR B 196 -17.90 31.51 -11.37
CA TYR B 196 -16.66 31.12 -12.02
C TYR B 196 -15.80 32.37 -12.22
N ALA B 197 -14.76 32.52 -11.40
CA ALA B 197 -13.90 33.69 -11.53
C ALA B 197 -13.31 33.76 -12.93
N TRP B 198 -13.09 34.98 -13.41
CA TRP B 198 -12.24 35.15 -14.58
C TRP B 198 -10.77 35.08 -14.20
N GLY B 199 -9.98 34.49 -15.09
CA GLY B 199 -8.54 34.51 -14.99
C GLY B 199 -8.05 35.79 -15.64
N TYR B 200 -6.89 36.29 -15.23
CA TYR B 200 -6.36 37.51 -15.86
C TYR B 200 -4.94 37.34 -16.32
N ARG B 201 -4.76 37.51 -17.63
CA ARG B 201 -3.47 37.39 -18.27
C ARG B 201 -3.24 38.66 -19.08
N GLU B 202 -2.15 39.37 -18.77
CA GLU B 202 -1.89 40.67 -19.37
C GLU B 202 -3.13 41.54 -19.30
N GLY B 203 -3.79 41.52 -18.13
CA GLY B 203 -4.94 42.36 -17.87
C GLY B 203 -6.21 41.97 -18.58
N LYS B 204 -6.13 40.96 -19.44
CA LYS B 204 -7.28 40.47 -20.20
C LYS B 204 -7.94 39.26 -19.51
N ALA B 205 -9.27 39.25 -19.43
CA ALA B 205 -9.99 38.16 -18.76
C ALA B 205 -10.00 36.91 -19.63
N VAL B 206 -9.55 35.78 -19.06
CA VAL B 206 -9.47 34.54 -19.84
C VAL B 206 -9.85 33.30 -19.04
N HIS B 207 -10.45 32.33 -19.74
CA HIS B 207 -10.67 31.03 -19.15
C HIS B 207 -9.83 30.01 -19.91
N VAL B 208 -9.49 28.89 -19.27
CA VAL B 208 -8.68 27.86 -19.93
C VAL B 208 -9.36 27.32 -21.21
N SER B 209 -8.57 27.11 -22.26
CA SER B 209 -9.12 26.56 -23.52
C SER B 209 -9.12 25.03 -23.57
N PRO B 210 -10.09 24.45 -24.30
CA PRO B 210 -10.13 23.01 -24.58
C PRO B 210 -8.84 22.49 -25.17
N GLY B 211 -8.49 21.26 -24.82
CA GLY B 211 -7.24 20.66 -25.25
C GLY B 211 -7.27 19.17 -24.95
N ALA B 212 -6.44 18.39 -25.64
CA ALA B 212 -6.50 16.94 -25.45
C ALA B 212 -6.02 16.62 -24.04
N LEU B 213 -6.73 15.71 -23.39
CA LEU B 213 -6.40 15.26 -22.03
C LEU B 213 -6.41 16.43 -21.05
N ASP B 214 -7.20 17.45 -21.36
CA ASP B 214 -7.31 18.56 -20.44
C ASP B 214 -7.98 18.18 -19.12
N ALA B 215 -9.04 17.39 -19.18
CA ALA B 215 -9.75 16.99 -17.97
C ALA B 215 -8.78 16.32 -17.03
N GLU B 216 -7.98 15.42 -17.61
CA GLU B 216 -7.07 14.56 -16.88
C GLU B 216 -5.81 15.28 -16.32
N ALA B 217 -5.33 16.31 -17.00
CA ALA B 217 -4.07 16.92 -16.62
C ALA B 217 -4.23 18.28 -15.93
N TYR B 218 -5.34 18.96 -16.22
CA TYR B 218 -5.53 20.32 -15.72
C TYR B 218 -6.98 20.80 -15.79
N GLY B 219 -7.91 19.87 -15.60
CA GLY B 219 -9.32 20.15 -15.86
C GLY B 219 -10.21 20.66 -14.73
N VAL B 220 -9.71 20.66 -13.50
CA VAL B 220 -10.59 20.89 -12.37
C VAL B 220 -10.69 22.38 -12.00
N LYS B 221 -11.93 22.82 -11.73
CA LYS B 221 -12.24 24.13 -11.15
C LYS B 221 -12.91 23.94 -9.79
N SER B 222 -12.55 24.75 -8.79
CA SER B 222 -13.03 24.47 -7.46
C SER B 222 -13.01 25.76 -6.63
N THR B 223 -13.74 25.70 -5.52
CA THR B 223 -13.84 26.81 -4.58
C THR B 223 -12.82 26.61 -3.46
N ILE B 224 -12.65 27.64 -2.64
CA ILE B 224 -11.69 27.56 -1.54
C ILE B 224 -12.20 26.63 -0.44
N GLU B 225 -13.51 26.55 -0.30
CA GLU B 225 -14.12 25.69 0.69
C GLU B 225 -13.95 24.24 0.27
N ASP B 226 -14.18 23.95 -1.00
CA ASP B 226 -14.02 22.56 -1.46
C ASP B 226 -12.54 22.16 -1.40
N MET B 227 -11.64 23.08 -1.77
CA MET B 227 -10.23 22.75 -1.71
C MET B 227 -9.75 22.53 -0.29
N ALA B 228 -10.29 23.31 0.65
CA ALA B 228 -9.94 23.06 2.05
C ALA B 228 -10.37 21.65 2.44
N ARG B 229 -11.53 21.20 1.95
CA ARG B 229 -12.02 19.88 2.29
C ARG B 229 -11.14 18.82 1.61
N TRP B 230 -10.65 19.14 0.40
CA TRP B 230 -9.70 18.29 -0.31
C TRP B 230 -8.42 18.12 0.52
N VAL B 231 -7.95 19.21 1.11
CA VAL B 231 -6.76 19.12 1.95
C VAL B 231 -7.03 18.27 3.20
N GLN B 232 -8.18 18.49 3.85
CA GLN B 232 -8.55 17.71 5.02
C GLN B 232 -8.58 16.23 4.70
N SER B 233 -9.12 15.91 3.52
CA SER B 233 -9.23 14.52 3.11
C SER B 233 -7.87 13.89 2.86
N ASN B 234 -6.95 14.66 2.30
CA ASN B 234 -5.61 14.13 2.09
C ASN B 234 -4.72 14.13 3.34
N LEU B 235 -5.02 15.02 4.28
CA LEU B 235 -4.34 15.05 5.59
C LEU B 235 -4.69 13.81 6.40
N LYS B 236 -5.94 13.39 6.30
CA LYS B 236 -6.49 12.41 7.24
C LYS B 236 -7.38 11.44 6.52
N PRO B 237 -6.79 10.59 5.67
CA PRO B 237 -7.59 9.70 4.80
C PRO B 237 -8.41 8.67 5.60
N LEU B 238 -8.00 8.37 6.82
CA LEU B 238 -8.68 7.33 7.59
C LEU B 238 -10.07 7.77 8.01
N ASP B 239 -10.33 9.07 7.95
CA ASP B 239 -11.65 9.59 8.27
C ASP B 239 -12.67 9.41 7.14
N ILE B 240 -12.19 8.96 5.98
CA ILE B 240 -13.04 8.79 4.81
C ILE B 240 -13.74 7.43 4.82
N ASN B 241 -15.06 7.44 4.70
CA ASN B 241 -15.86 6.21 4.84
C ASN B 241 -15.77 5.23 3.68
N GLU B 242 -15.61 5.75 2.47
CA GLU B 242 -15.46 4.95 1.26
C GLU B 242 -14.08 4.31 1.22
N LYS B 243 -14.06 2.98 1.30
CA LYS B 243 -12.85 2.20 1.54
C LYS B 243 -11.81 2.32 0.43
N THR B 244 -12.26 2.17 -0.81
CA THR B 244 -11.30 2.33 -1.91
C THR B 244 -10.77 3.76 -2.05
N LEU B 245 -11.56 4.77 -1.69
CA LEU B 245 -11.11 6.15 -1.84
C LEU B 245 -10.08 6.49 -0.76
N GLN B 246 -10.33 5.96 0.43
CA GLN B 246 -9.40 6.10 1.54
C GLN B 246 -8.06 5.48 1.13
N GLN B 247 -8.12 4.29 0.55
CA GLN B 247 -6.89 3.62 0.08
C GLN B 247 -6.27 4.40 -1.09
N GLY B 248 -7.09 4.92 -1.97
CA GLY B 248 -6.57 5.64 -3.13
C GLY B 248 -5.79 6.88 -2.70
N ILE B 249 -6.29 7.61 -1.71
CA ILE B 249 -5.59 8.79 -1.19
C ILE B 249 -4.25 8.36 -0.62
N GLN B 250 -4.25 7.28 0.15
CA GLN B 250 -2.99 6.74 0.68
C GLN B 250 -2.01 6.37 -0.43
N LEU B 251 -2.48 5.71 -1.48
CA LEU B 251 -1.62 5.29 -2.59
C LEU B 251 -1.00 6.48 -3.32
N ALA B 252 -1.75 7.59 -3.38
CA ALA B 252 -1.28 8.77 -4.11
C ALA B 252 -0.13 9.49 -3.37
N GLN B 253 -0.04 9.28 -2.05
CA GLN B 253 1.07 9.77 -1.25
C GLN B 253 2.16 8.74 -0.97
N SER B 254 2.07 7.58 -1.60
CA SER B 254 3.20 6.64 -1.52
C SER B 254 4.38 7.25 -2.28
N ARG B 255 5.59 6.90 -1.85
CA ARG B 255 6.79 7.41 -2.53
C ARG B 255 7.31 6.39 -3.55
N TYR B 256 7.19 6.72 -4.82
CA TYR B 256 7.55 5.79 -5.91
C TYR B 256 8.96 5.96 -6.49
N TRP B 257 9.41 7.22 -6.51
CA TRP B 257 10.69 7.62 -7.09
C TRP B 257 11.25 8.72 -6.24
N GLN B 258 12.58 8.79 -6.18
CA GLN B 258 13.23 9.88 -5.53
C GLN B 258 14.14 10.59 -6.53
N THR B 259 14.03 11.91 -6.53
CA THR B 259 15.07 12.78 -7.13
C THR B 259 15.46 13.88 -6.17
N GLY B 260 16.73 13.89 -5.80
CA GLY B 260 17.18 14.83 -4.80
C GLY B 260 16.46 14.60 -3.49
N ASP B 261 15.89 15.66 -2.92
CA ASP B 261 15.18 15.51 -1.67
C ASP B 261 13.67 15.38 -1.91
N MET B 262 13.24 15.20 -3.16
CA MET B 262 11.82 15.05 -3.48
C MET B 262 11.41 13.62 -3.86
N TYR B 263 10.17 13.27 -3.54
CA TYR B 263 9.63 11.97 -3.86
C TYR B 263 8.37 12.15 -4.70
N GLN B 264 8.23 11.38 -5.75
CA GLN B 264 7.06 11.49 -6.61
C GLN B 264 5.96 10.52 -6.15
N GLY B 265 4.79 11.08 -5.86
CA GLY B 265 3.58 10.29 -5.59
C GLY B 265 2.74 10.19 -6.86
N LEU B 266 1.43 9.96 -6.72
CA LEU B 266 0.55 10.02 -7.88
C LEU B 266 -0.09 11.39 -7.84
N GLY B 267 0.37 12.31 -8.69
CA GLY B 267 -0.09 13.70 -8.61
C GLY B 267 0.67 14.51 -7.54
N TRP B 268 0.51 14.15 -6.28
CA TRP B 268 1.28 14.77 -5.21
C TRP B 268 2.78 14.54 -5.34
N GLU B 269 3.52 15.55 -4.88
CA GLU B 269 4.95 15.43 -4.63
C GLU B 269 5.20 15.60 -3.13
N MET B 270 6.25 14.96 -2.63
CA MET B 270 6.48 14.91 -1.18
C MET B 270 7.96 15.10 -0.84
N LEU B 271 8.22 15.70 0.32
CA LEU B 271 9.57 15.82 0.89
C LEU B 271 9.44 15.47 2.36
N ASP B 272 10.51 14.95 2.96
CA ASP B 272 10.48 14.76 4.41
C ASP B 272 10.36 16.08 5.19
N TRP B 273 9.55 16.05 6.26
CA TRP B 273 9.44 17.19 7.16
C TRP B 273 10.35 16.91 8.37
N PRO B 274 11.11 17.92 8.83
CA PRO B 274 11.11 19.29 8.32
C PRO B 274 11.89 19.42 7.01
N VAL B 275 11.47 20.38 6.19
CA VAL B 275 12.07 20.60 4.89
C VAL B 275 12.98 21.81 4.91
N ASN B 276 13.93 21.85 3.99
CA ASN B 276 14.61 23.09 3.74
C ASN B 276 13.79 23.98 2.82
N PRO B 277 13.37 25.13 3.32
CA PRO B 277 12.49 25.98 2.51
C PRO B 277 13.13 26.38 1.18
N ASP B 278 14.43 26.68 1.19
CA ASP B 278 15.07 27.14 -0.04
C ASP B 278 14.95 26.09 -1.12
N SER B 279 14.93 24.84 -0.70
CA SER B 279 14.83 23.73 -1.63
C SER B 279 13.46 23.62 -2.32
N ILE B 280 12.37 23.72 -1.54
CA ILE B 280 11.05 23.68 -2.16
C ILE B 280 10.73 24.99 -2.90
N ILE B 281 11.21 26.12 -2.36
CA ILE B 281 11.01 27.41 -3.02
C ILE B 281 11.78 27.45 -4.32
N ASN B 282 13.09 27.22 -4.28
CA ASN B 282 13.88 27.23 -5.51
C ASN B 282 13.45 26.10 -6.44
N GLY B 283 13.13 24.94 -5.86
CA GLY B 283 12.80 23.76 -6.65
C GLY B 283 11.50 23.92 -7.40
N SER B 284 10.70 24.93 -7.04
CA SER B 284 9.40 25.10 -7.66
C SER B 284 9.48 25.98 -8.91
N ASP B 285 10.60 26.67 -9.08
CA ASP B 285 10.81 27.45 -10.29
C ASP B 285 10.75 26.52 -11.49
N ASN B 286 10.08 26.93 -12.55
CA ASN B 286 9.96 26.04 -13.71
C ASN B 286 11.27 25.61 -14.36
N LYS B 287 12.36 26.36 -14.16
CA LYS B 287 13.58 25.91 -14.81
C LYS B 287 14.08 24.62 -14.19
N ILE B 288 13.66 24.34 -12.94
CA ILE B 288 14.04 23.10 -12.28
C ILE B 288 12.84 22.12 -12.38
N ALA B 289 11.65 22.64 -12.10
CA ALA B 289 10.47 21.77 -11.98
C ALA B 289 10.12 21.12 -13.31
N LEU B 290 10.46 21.78 -14.42
CA LEU B 290 10.17 21.21 -15.76
C LEU B 290 11.35 20.49 -16.40
N ALA B 291 12.49 20.46 -15.72
CA ALA B 291 13.64 19.80 -16.27
C ALA B 291 13.72 18.30 -15.99
N ALA B 292 14.34 17.55 -16.90
CA ALA B 292 14.60 16.14 -16.66
C ALA B 292 15.54 15.92 -15.48
N ARG B 293 15.21 14.96 -14.63
CA ARG B 293 16.07 14.59 -13.49
C ARG B 293 16.11 13.06 -13.38
N PRO B 294 17.28 12.48 -13.09
CA PRO B 294 17.33 11.03 -12.93
C PRO B 294 16.58 10.62 -11.67
N VAL B 295 15.89 9.48 -11.72
CA VAL B 295 15.15 9.01 -10.56
C VAL B 295 15.74 7.73 -10.09
N LYS B 296 15.65 7.50 -8.77
CA LYS B 296 15.95 6.21 -8.17
C LYS B 296 14.61 5.61 -7.79
N ALA B 297 14.39 4.38 -8.21
CA ALA B 297 13.17 3.64 -7.86
C ALA B 297 13.20 3.36 -6.36
N ILE B 298 12.03 3.47 -5.73
CA ILE B 298 11.90 3.10 -4.32
C ILE B 298 11.16 1.78 -4.38
N THR B 299 11.91 0.72 -4.08
CA THR B 299 11.48 -0.64 -4.41
C THR B 299 11.37 -1.42 -3.10
N PRO B 300 10.15 -1.60 -2.59
CA PRO B 300 8.85 -1.16 -3.10
C PRO B 300 8.55 0.25 -2.58
N PRO B 301 7.51 0.90 -3.13
CA PRO B 301 7.17 2.24 -2.66
C PRO B 301 6.92 2.36 -1.16
N THR B 302 7.45 3.41 -0.56
CA THR B 302 7.21 3.71 0.83
C THR B 302 5.78 4.18 1.00
N PRO B 303 5.03 3.55 1.91
CA PRO B 303 3.68 4.05 2.21
C PRO B 303 3.74 5.49 2.70
N ALA B 304 2.62 6.18 2.50
CA ALA B 304 2.52 7.58 2.86
C ALA B 304 3.16 7.90 4.21
N VAL B 305 4.16 8.77 4.19
CA VAL B 305 4.88 9.21 5.36
C VAL B 305 4.19 10.39 6.02
N ARG B 306 3.78 10.21 7.26
CA ARG B 306 3.08 11.27 8.00
C ARG B 306 3.89 12.55 8.10
N ALA B 307 5.18 12.44 8.46
CA ALA B 307 6.06 13.57 8.55
C ALA B 307 6.62 14.01 7.18
N SER B 308 5.72 14.51 6.35
CA SER B 308 6.04 14.96 4.99
C SER B 308 5.46 16.34 4.77
N TRP B 309 6.14 17.11 3.90
CA TRP B 309 5.57 18.27 3.25
C TRP B 309 5.05 17.70 1.92
N VAL B 310 3.72 17.70 1.73
CA VAL B 310 3.11 17.14 0.54
C VAL B 310 2.55 18.32 -0.23
N HIS B 311 2.82 18.41 -1.53
CA HIS B 311 2.40 19.67 -2.21
C HIS B 311 2.27 19.53 -3.71
N LYS B 312 1.70 20.56 -4.31
CA LYS B 312 1.60 20.65 -5.77
C LYS B 312 1.29 22.11 -6.17
N THR B 313 2.03 22.63 -7.14
CA THR B 313 1.73 23.91 -7.76
C THR B 313 0.83 23.67 -8.97
N GLY B 314 0.03 24.66 -9.36
CA GLY B 314 -0.70 24.51 -10.62
C GLY B 314 -0.93 25.86 -11.24
N ALA B 315 -1.00 25.91 -12.55
CA ALA B 315 -1.30 27.19 -13.18
C ALA B 315 -2.02 26.99 -14.51
N THR B 316 -2.88 27.93 -14.85
CA THR B 316 -3.32 27.98 -16.24
C THR B 316 -2.89 29.35 -16.76
N GLY B 317 -3.42 29.75 -17.91
CA GLY B 317 -3.08 31.06 -18.46
C GLY B 317 -3.41 32.19 -17.52
N GLY B 318 -4.54 32.10 -16.84
CA GLY B 318 -5.01 33.21 -16.03
C GLY B 318 -5.10 32.90 -14.55
N PHE B 319 -4.60 31.74 -14.11
CA PHE B 319 -4.75 31.37 -12.70
C PHE B 319 -3.46 30.77 -12.14
N GLY B 320 -3.24 30.90 -10.83
CA GLY B 320 -2.11 30.26 -10.19
C GLY B 320 -2.56 29.69 -8.87
N SER B 321 -2.23 28.43 -8.61
CA SER B 321 -2.70 27.74 -7.42
CA SER B 321 -2.69 27.79 -7.40
C SER B 321 -1.54 27.06 -6.70
N TYR B 322 -1.73 26.79 -5.41
CA TYR B 322 -0.73 26.02 -4.66
C TYR B 322 -1.46 25.36 -3.50
N VAL B 323 -1.06 24.12 -3.23
CA VAL B 323 -1.60 23.38 -2.09
C VAL B 323 -0.42 22.72 -1.39
N ALA B 324 -0.35 22.83 -0.06
CA ALA B 324 0.70 22.12 0.68
C ALA B 324 0.12 21.68 2.04
N PHE B 325 0.53 20.51 2.51
CA PHE B 325 0.06 20.10 3.84
C PHE B 325 1.07 19.16 4.50
N ILE B 326 0.96 19.06 5.82
CA ILE B 326 1.86 18.22 6.62
C ILE B 326 1.02 17.28 7.48
N PRO B 327 0.88 16.01 7.07
CA PRO B 327 -0.10 15.15 7.75
C PRO B 327 0.13 15.01 9.25
N GLU B 328 1.39 14.87 9.67
CA GLU B 328 1.71 14.71 11.08
C GLU B 328 1.21 15.88 11.96
N LYS B 329 1.13 17.08 11.38
CA LYS B 329 0.79 18.30 12.13
C LYS B 329 -0.64 18.72 11.90
N GLU B 330 -1.35 17.98 11.06
CA GLU B 330 -2.75 18.27 10.75
C GLU B 330 -2.85 19.72 10.26
N LEU B 331 -1.89 20.09 9.42
CA LEU B 331 -1.71 21.48 9.06
C LEU B 331 -1.65 21.60 7.54
N GLY B 332 -2.31 22.59 6.96
CA GLY B 332 -2.20 22.72 5.51
C GLY B 332 -2.66 24.05 4.97
N ILE B 333 -2.47 24.29 3.66
CA ILE B 333 -2.84 25.57 3.08
C ILE B 333 -3.21 25.42 1.60
N VAL B 334 -4.20 26.20 1.18
CA VAL B 334 -4.56 26.30 -0.23
C VAL B 334 -4.54 27.76 -0.61
N MET B 335 -3.90 28.06 -1.74
CA MET B 335 -3.83 29.44 -2.21
C MET B 335 -4.29 29.42 -3.67
N LEU B 336 -5.44 30.07 -3.91
CA LEU B 336 -6.04 30.17 -5.25
C LEU B 336 -6.08 31.63 -5.67
N ALA B 337 -5.55 31.91 -6.85
CA ALA B 337 -5.48 33.28 -7.38
C ALA B 337 -5.84 33.32 -8.85
N ASN B 338 -6.51 34.40 -9.27
CA ASN B 338 -6.84 34.51 -10.69
C ASN B 338 -5.81 35.31 -11.47
N LYS B 339 -4.54 35.05 -11.17
CA LYS B 339 -3.43 35.46 -12.01
C LYS B 339 -2.35 34.41 -11.83
N ASN B 340 -1.67 34.08 -12.92
CA ASN B 340 -0.53 33.14 -12.91
C ASN B 340 0.78 33.85 -12.58
N TYR B 341 1.13 33.79 -11.31
CA TYR B 341 2.32 34.47 -10.81
C TYR B 341 3.33 33.41 -10.39
N PRO B 342 4.63 33.76 -10.29
CA PRO B 342 5.70 32.77 -10.18
C PRO B 342 5.55 31.76 -9.02
N ASN B 343 5.81 30.49 -9.33
CA ASN B 343 5.78 29.46 -8.30
C ASN B 343 6.53 29.79 -7.01
N PRO B 344 7.78 30.27 -7.12
CA PRO B 344 8.54 30.43 -5.87
C PRO B 344 7.86 31.42 -4.93
N ALA B 345 7.14 32.39 -5.47
CA ALA B 345 6.43 33.34 -4.63
C ALA B 345 5.31 32.66 -3.86
N ARG B 346 4.64 31.70 -4.52
CA ARG B 346 3.60 30.92 -3.85
C ARG B 346 4.16 30.10 -2.71
N VAL B 347 5.22 29.37 -3.00
CA VAL B 347 5.79 28.41 -2.06
C VAL B 347 6.38 29.16 -0.90
N ASP B 348 7.08 30.26 -1.20
CA ASP B 348 7.64 31.09 -0.13
C ASP B 348 6.56 31.57 0.86
N ALA B 349 5.45 32.10 0.33
CA ALA B 349 4.35 32.53 1.18
C ALA B 349 3.78 31.36 1.99
N ALA B 350 3.55 30.22 1.32
CA ALA B 350 3.01 29.08 2.03
C ALA B 350 3.97 28.63 3.14
N TRP B 351 5.27 28.61 2.87
CA TRP B 351 6.24 28.23 3.90
C TRP B 351 6.21 29.17 5.10
N GLN B 352 6.11 30.47 4.83
CA GLN B 352 6.06 31.44 5.93
C GLN B 352 4.88 31.14 6.85
N ILE B 353 3.74 30.87 6.25
CA ILE B 353 2.55 30.64 7.03
C ILE B 353 2.59 29.33 7.79
N LEU B 354 2.91 28.24 7.09
CA LEU B 354 2.89 26.94 7.76
C LEU B 354 4.00 26.81 8.80
N ASN B 355 5.16 27.38 8.51
CA ASN B 355 6.26 27.29 9.46
C ASN B 355 5.93 28.07 10.72
N ALA B 356 5.10 29.10 10.59
CA ALA B 356 4.71 29.93 11.74
C ALA B 356 3.77 29.15 12.67
N LEU B 357 2.93 28.31 12.07
CA LEU B 357 1.85 27.65 12.80
C LEU B 357 2.23 26.26 13.29
N GLN B 358 3.30 25.71 12.72
CA GLN B 358 3.70 24.34 12.99
C GLN B 358 4.22 24.15 14.41
OAA BSH C . 12.35 -30.16 7.22
OAB BSH C . 9.69 -22.88 10.14
OAC BSH C . 8.21 -24.41 11.64
OAD BSH C . 13.62 -29.67 8.98
OAE BSH C . 6.37 -25.01 8.30
OAF BSH C . 7.10 -23.89 6.11
CAH BSH C . 10.82 -29.00 13.21
CAI BSH C . 10.72 -28.86 11.83
CAJ BSH C . 10.97 -27.85 13.98
CAK BSH C . 13.13 -25.60 8.31
CAL BSH C . 10.77 -27.60 11.23
CAM BSH C . 11.04 -26.59 13.39
CAN BSH C . 11.91 -25.16 7.80
CAO BSH C . 13.39 -26.96 8.39
CAP BSH C . 11.22 -27.43 7.43
CAQ BSH C . 9.63 -25.50 6.85
CAR BSH C . 10.99 -25.12 11.35
NAS BSH C . 8.88 -25.20 9.18
CAT BSH C . 12.82 -29.35 8.07
CAU BSH C . 10.94 -26.45 12.01
CAV BSH C . 10.94 -26.05 7.34
CAW BSH C . 12.44 -27.88 7.95
CAX BSH C . 8.91 -24.59 7.86
SAZ BSH C . 9.47 -24.55 10.52
BOR BSH C . 7.40 -24.17 7.58
P PO4 D . -8.32 -17.55 30.84
O1 PO4 D . -8.34 -16.09 30.39
O2 PO4 D . -7.04 -18.24 30.39
O3 PO4 D . -8.33 -17.60 32.35
O4 PO4 D . -9.53 -18.20 30.24
OAA BSH E . 4.18 26.63 -20.34
OAB BSH E . -1.44 21.33 -17.10
OAC BSH E . -2.65 23.51 -16.41
OAD BSH E . 2.28 26.51 -21.51
OAE BSH E . 0.16 23.75 -13.81
OAF BSH E . 2.24 22.19 -13.83
CAH BSH E . -2.66 27.43 -20.01
CAI BSH E . -1.32 27.05 -19.92
CAJ BSH E . -3.67 26.49 -19.82
CAK BSH E . 2.16 22.43 -20.27
CAL BSH E . -0.99 25.72 -19.63
CAM BSH E . -3.33 25.16 -19.55
CAN BSH E . 2.16 22.25 -18.90
CAO BSH E . 2.46 23.68 -20.80
CAP BSH E . 2.77 24.57 -18.57
CAQ BSH E . 2.42 23.02 -16.57
CAR BSH E . -1.62 23.36 -19.12
NAS BSH E . -0.04 23.44 -16.51
CAT BSH E . 3.09 26.07 -20.64
CAU BSH E . -2.00 24.75 -19.46
CAV BSH E . 2.47 23.30 -18.03
CAW BSH E . 2.76 24.76 -19.96
CAX BSH E . 1.04 22.61 -16.03
SAZ BSH E . -1.33 23.03 -17.36
BOR BSH E . 0.93 22.61 -14.46
#